data_6CPG
#
_entry.id   6CPG
#
_cell.length_a   63.860
_cell.length_b   69.700
_cell.length_c   175.560
_cell.angle_alpha   90.000
_cell.angle_beta   90.000
_cell.angle_gamma   90.000
#
_symmetry.space_group_name_H-M   'P 21 21 21'
#
loop_
_entity.id
_entity.type
_entity.pdbx_description
1 polymer 'Aurora kinase A'
2 polymer Monobody
3 non-polymer 1-cyclopropyl-3-{3-[5-(morpholin-4-ylmethyl)-1H-benzimidazol-2-yl]-1H-pyrazol-4-yl}urea
#
loop_
_entity_poly.entity_id
_entity_poly.type
_entity_poly.pdbx_seq_one_letter_code
_entity_poly.pdbx_strand_id
1 'polypeptide(L)'
;SVDESKKRQWALEDFEIGRPLGKGKFGNVYLAREKQSKFILALKVLFKAQLEKAGVEHQLRREVEIQSHLRHPNILRLYG
YFHDATRVYLILEYAPLGTVYRELQKLSKFDEQRTATYITELANALSYCHSKRVIHRDIKPENLLLGSAGELKIADFGWS
VHAPSSRRTTLCGTLDYLPPEMIEGRMHDEKVDLWSLGVLCYEFLVGKPPFEANTYQETYKRISRVEFTFPDFVTEGARD
LISRLLKHNPSQRPMLREVLEHPWITANSSKPSNCQNKESASKQS
;
A,D
2 'polypeptide(L)'
;GSVSSVPTKLEVVAATPTSLLISWDAPAVTVVHYVITYGETGGNSPVQEFTVPGSKSTATISGLKPGVDYTITVYAIDFY
WGSYSPISINYRT
;
B,E
#
loop_
_chem_comp.id
_chem_comp.type
_chem_comp.name
_chem_comp.formula
35R non-polymer 1-cyclopropyl-3-{3-[5-(morpholin-4-ylmethyl)-1H-benzimidazol-2-yl]-1H-pyrazol-4-yl}urea 'C19 H23 N7 O2'
#
# COMPACT_ATOMS: atom_id res chain seq x y z
N GLN A 9 -17.52 14.77 -16.05
CA GLN A 9 -16.34 14.32 -16.78
C GLN A 9 -15.40 15.49 -17.07
N TRP A 10 -14.57 15.84 -16.09
CA TRP A 10 -13.64 16.93 -16.25
C TRP A 10 -12.57 16.59 -17.30
N ALA A 11 -11.82 17.61 -17.69
CA ALA A 11 -10.73 17.44 -18.65
C ALA A 11 -9.67 18.50 -18.39
N LEU A 12 -8.46 18.24 -18.87
CA LEU A 12 -7.35 19.14 -18.64
C LEU A 12 -7.59 20.52 -19.23
N GLU A 13 -8.44 20.62 -20.25
CA GLU A 13 -8.72 21.90 -20.90
C GLU A 13 -9.81 22.71 -20.19
N ASP A 14 -10.19 22.30 -18.97
CA ASP A 14 -11.22 23.00 -18.21
C ASP A 14 -10.65 23.86 -17.09
N PHE A 15 -9.33 24.01 -17.03
CA PHE A 15 -8.68 24.71 -15.93
C PHE A 15 -7.60 25.63 -16.47
N GLU A 16 -7.32 26.69 -15.72
CA GLU A 16 -6.29 27.67 -16.06
C GLU A 16 -5.12 27.43 -15.11
N ILE A 17 -4.23 26.52 -15.48
CA ILE A 17 -3.13 26.14 -14.61
C ILE A 17 -2.21 27.33 -14.40
N GLY A 18 -1.59 27.39 -13.22
CA GLY A 18 -0.73 28.50 -12.86
C GLY A 18 0.45 28.14 -12.00
N ARG A 19 0.63 28.88 -10.91
CA ARG A 19 1.81 28.72 -10.06
C ARG A 19 1.87 27.31 -9.50
N PRO A 20 3.02 26.64 -9.54
CA PRO A 20 3.14 25.33 -8.89
C PRO A 20 3.15 25.47 -7.37
N LEU A 21 2.52 24.53 -6.70
CA LEU A 21 2.42 24.54 -5.26
C LEU A 21 3.41 23.61 -4.57
N GLY A 22 3.92 22.60 -5.26
CA GLY A 22 4.88 21.70 -4.66
C GLY A 22 5.27 20.59 -5.61
N LYS A 23 5.95 19.59 -5.05
CA LYS A 23 6.43 18.44 -5.80
C LYS A 23 6.22 17.21 -4.93
N GLY A 24 5.18 16.43 -5.24
CA GLY A 24 4.86 15.24 -4.49
C GLY A 24 5.82 14.09 -4.79
N LYS A 25 5.43 12.90 -4.32
CA LYS A 25 6.26 11.73 -4.50
C LYS A 25 6.04 11.09 -5.87
N PHE A 26 4.81 11.11 -6.37
CA PHE A 26 4.47 10.53 -7.67
C PHE A 26 4.06 11.60 -8.68
N GLY A 27 4.52 12.82 -8.51
CA GLY A 27 4.18 13.90 -9.42
C GLY A 27 4.23 15.23 -8.69
N ASN A 28 3.75 16.26 -9.40
CA ASN A 28 3.74 17.62 -8.88
C ASN A 28 2.31 18.17 -8.88
N VAL A 29 2.11 19.22 -8.09
CA VAL A 29 0.81 19.85 -7.93
C VAL A 29 0.88 21.27 -8.47
N TYR A 30 -0.22 21.72 -9.06
CA TYR A 30 -0.32 23.05 -9.64
C TYR A 30 -1.49 23.81 -9.03
N LEU A 31 -1.54 25.10 -9.32
CA LEU A 31 -2.62 25.98 -8.91
C LEU A 31 -3.39 26.41 -10.16
N ALA A 32 -4.72 26.30 -10.11
CA ALA A 32 -5.52 26.53 -11.30
C ALA A 32 -6.85 27.16 -10.91
N ARG A 33 -7.62 27.53 -11.94
CA ARG A 33 -8.94 28.11 -11.76
C ARG A 33 -9.90 27.47 -12.75
N GLU A 34 -11.07 27.05 -12.27
CA GLU A 34 -12.09 26.47 -13.11
C GLU A 34 -12.53 27.48 -14.17
N LYS A 35 -12.24 27.19 -15.44
CA LYS A 35 -12.55 28.14 -16.51
C LYS A 35 -14.02 28.55 -16.49
N GLN A 36 -14.92 27.58 -16.49
CA GLN A 36 -16.35 27.89 -16.61
C GLN A 36 -16.93 28.53 -15.36
N SER A 37 -16.20 28.55 -14.24
CA SER A 37 -16.70 29.16 -13.02
C SER A 37 -15.70 30.10 -12.35
N LYS A 38 -14.44 30.10 -12.76
CA LYS A 38 -13.40 30.93 -12.15
C LYS A 38 -13.14 30.54 -10.70
N PHE A 39 -13.41 29.28 -10.35
CA PHE A 39 -13.18 28.78 -9.00
C PHE A 39 -11.73 28.31 -8.87
N ILE A 40 -11.05 28.76 -7.82
CA ILE A 40 -9.69 28.35 -7.55
C ILE A 40 -9.69 26.98 -6.90
N LEU A 41 -8.62 26.22 -7.13
CA LEU A 41 -8.51 24.88 -6.60
C LEU A 41 -7.10 24.36 -6.83
N ALA A 42 -6.73 23.33 -6.09
CA ALA A 42 -5.45 22.66 -6.25
C ALA A 42 -5.63 21.44 -7.15
N LEU A 43 -4.72 21.29 -8.11
CA LEU A 43 -4.81 20.22 -9.11
C LEU A 43 -3.57 19.34 -8.97
N LYS A 44 -3.69 18.26 -8.18
CA LYS A 44 -2.58 17.33 -8.04
C LYS A 44 -2.45 16.48 -9.30
N VAL A 45 -1.23 16.44 -9.86
CA VAL A 45 -0.95 15.71 -11.08
C VAL A 45 0.05 14.61 -10.75
N LEU A 46 -0.39 13.37 -10.82
CA LEU A 46 0.44 12.21 -10.49
C LEU A 46 0.69 11.40 -11.76
N PHE A 47 1.97 11.16 -12.06
CA PHE A 47 2.33 10.41 -13.25
C PHE A 47 2.04 8.93 -13.04
N LYS A 48 1.27 8.34 -13.96
CA LYS A 48 0.94 6.93 -13.85
C LYS A 48 2.19 6.06 -13.78
N ALA A 49 3.20 6.40 -14.58
CA ALA A 49 4.44 5.63 -14.59
C ALA A 49 4.99 5.45 -13.18
N GLN A 50 5.02 6.54 -12.40
CA GLN A 50 5.46 6.46 -11.02
C GLN A 50 4.44 5.76 -10.13
N LEU A 51 3.16 5.74 -10.53
CA LEU A 51 2.15 5.07 -9.74
C LEU A 51 2.20 3.55 -9.92
N GLU A 52 2.34 3.10 -11.17
CA GLU A 52 2.34 1.66 -11.44
C GLU A 52 3.65 0.99 -11.08
N LYS A 53 4.75 1.75 -11.01
CA LYS A 53 6.03 1.16 -10.61
C LYS A 53 6.01 0.74 -9.15
N ALA A 54 5.18 1.39 -8.33
CA ALA A 54 5.05 1.04 -6.93
C ALA A 54 3.72 0.37 -6.58
N GLY A 55 2.80 0.26 -7.53
CA GLY A 55 1.50 -0.33 -7.27
C GLY A 55 0.78 0.34 -6.11
N VAL A 56 0.27 1.54 -6.35
CA VAL A 56 -0.39 2.31 -5.30
C VAL A 56 -1.70 2.89 -5.81
N GLU A 57 -2.08 2.53 -7.03
CA GLU A 57 -3.33 3.04 -7.59
C GLU A 57 -4.52 2.67 -6.71
N HIS A 58 -4.64 1.39 -6.35
CA HIS A 58 -5.78 0.96 -5.56
C HIS A 58 -5.76 1.58 -4.17
N GLN A 59 -4.58 1.85 -3.62
CA GLN A 59 -4.50 2.50 -2.31
C GLN A 59 -5.05 3.91 -2.37
N LEU A 60 -4.77 4.63 -3.46
CA LEU A 60 -5.34 5.97 -3.64
C LEU A 60 -6.77 5.90 -4.14
N ARG A 61 -7.04 5.01 -5.09
CA ARG A 61 -8.41 4.85 -5.58
C ARG A 61 -9.35 4.43 -4.47
N ARG A 62 -8.87 3.65 -3.51
CA ARG A 62 -9.70 3.28 -2.36
C ARG A 62 -9.90 4.47 -1.44
N GLU A 63 -8.84 5.25 -1.20
CA GLU A 63 -8.98 6.46 -0.40
C GLU A 63 -9.92 7.46 -1.04
N VAL A 64 -9.93 7.53 -2.37
CA VAL A 64 -10.83 8.46 -3.06
C VAL A 64 -12.28 8.13 -2.74
N GLU A 65 -12.65 6.85 -2.82
CA GLU A 65 -14.03 6.46 -2.54
C GLU A 65 -14.37 6.68 -1.07
N ILE A 66 -13.41 6.46 -0.17
CA ILE A 66 -13.67 6.67 1.25
C ILE A 66 -13.92 8.15 1.54
N GLN A 67 -13.01 9.02 1.09
CA GLN A 67 -13.16 10.45 1.36
C GLN A 67 -14.28 11.06 0.52
N SER A 68 -14.58 10.48 -0.64
CA SER A 68 -15.68 11.01 -1.45
C SER A 68 -16.98 11.04 -0.67
N HIS A 69 -17.19 10.06 0.22
CA HIS A 69 -18.36 10.04 1.10
C HIS A 69 -18.15 10.86 2.37
N LEU A 70 -16.98 11.48 2.53
CA LEU A 70 -16.65 12.25 3.72
C LEU A 70 -16.49 13.72 3.34
N ARG A 71 -17.32 14.58 3.92
CA ARG A 71 -17.30 16.02 3.62
C ARG A 71 -17.43 16.76 4.94
N HIS A 72 -16.29 17.07 5.57
CA HIS A 72 -16.24 17.77 6.83
C HIS A 72 -15.35 19.01 6.70
N PRO A 73 -15.69 20.12 7.39
CA PRO A 73 -14.88 21.33 7.25
C PRO A 73 -13.40 21.12 7.51
N ASN A 74 -13.06 20.06 8.26
CA ASN A 74 -11.68 19.74 8.58
C ASN A 74 -11.13 18.58 7.74
N ILE A 75 -11.82 18.22 6.66
CA ILE A 75 -11.36 17.17 5.76
C ILE A 75 -11.33 17.77 4.35
N LEU A 76 -10.18 17.70 3.70
CA LEU A 76 -10.04 18.28 2.37
C LEU A 76 -11.03 17.66 1.41
N ARG A 77 -11.73 18.51 0.65
CA ARG A 77 -12.76 18.06 -0.26
C ARG A 77 -12.14 17.54 -1.55
N LEU A 78 -12.72 16.47 -2.09
CA LEU A 78 -12.34 15.91 -3.39
C LEU A 78 -13.56 16.04 -4.30
N TYR A 79 -13.55 17.08 -5.14
CA TYR A 79 -14.72 17.36 -5.99
C TYR A 79 -14.78 16.44 -7.21
N GLY A 80 -13.66 15.89 -7.64
CA GLY A 80 -13.66 15.01 -8.79
C GLY A 80 -12.25 14.70 -9.23
N TYR A 81 -12.15 13.78 -10.18
CA TYR A 81 -10.87 13.36 -10.72
C TYR A 81 -11.00 13.08 -12.20
N PHE A 82 -9.90 13.28 -12.92
CA PHE A 82 -9.82 12.92 -14.33
C PHE A 82 -8.40 12.46 -14.62
N HIS A 83 -8.21 11.88 -15.80
CA HIS A 83 -6.93 11.30 -16.14
C HIS A 83 -6.70 11.42 -17.64
N ASP A 84 -5.44 11.22 -18.03
CA ASP A 84 -5.06 11.22 -19.44
C ASP A 84 -4.17 9.99 -19.66
N ALA A 85 -3.35 10.04 -20.71
CA ALA A 85 -2.53 8.88 -21.06
C ALA A 85 -1.52 8.56 -19.96
N THR A 86 -0.77 9.56 -19.51
CA THR A 86 0.36 9.33 -18.60
C THR A 86 0.25 10.13 -17.31
N ARG A 87 -0.92 10.67 -16.99
CA ARG A 87 -1.08 11.45 -15.78
C ARG A 87 -2.49 11.28 -15.22
N VAL A 88 -2.59 11.26 -13.89
CA VAL A 88 -3.86 11.20 -13.18
C VAL A 88 -4.04 12.52 -12.44
N TYR A 89 -5.20 13.15 -12.63
CA TYR A 89 -5.46 14.48 -12.08
C TYR A 89 -6.50 14.38 -10.96
N LEU A 90 -6.17 14.97 -9.82
CA LEU A 90 -7.08 15.05 -8.68
C LEU A 90 -7.46 16.51 -8.47
N ILE A 91 -8.77 16.79 -8.46
CA ILE A 91 -9.29 18.13 -8.26
C ILE A 91 -9.51 18.30 -6.77
N LEU A 92 -8.61 19.03 -6.11
CA LEU A 92 -8.62 19.17 -4.65
C LEU A 92 -8.95 20.60 -4.26
N GLU A 93 -9.55 20.72 -3.07
CA GLU A 93 -9.77 22.04 -2.47
C GLU A 93 -8.44 22.76 -2.32
N TYR A 94 -8.51 24.09 -2.34
CA TYR A 94 -7.32 24.92 -2.17
C TYR A 94 -7.14 25.26 -0.69
N ALA A 95 -5.88 25.38 -0.28
CA ALA A 95 -5.52 25.68 1.10
C ALA A 95 -4.50 26.81 1.09
N PRO A 96 -4.95 28.07 1.19
CA PRO A 96 -4.01 29.18 0.98
C PRO A 96 -2.91 29.27 2.02
N LEU A 97 -3.07 28.67 3.19
CA LEU A 97 -2.10 28.81 4.27
C LEU A 97 -1.03 27.72 4.25
N GLY A 98 -1.01 26.86 3.24
CA GLY A 98 0.04 25.87 3.10
C GLY A 98 -0.21 24.61 3.90
N THR A 99 0.86 23.86 4.10
CA THR A 99 0.83 22.59 4.81
C THR A 99 1.44 22.75 6.20
N VAL A 100 0.86 22.04 7.17
CA VAL A 100 1.39 22.09 8.52
C VAL A 100 2.83 21.61 8.57
N TYR A 101 3.22 20.71 7.65
CA TYR A 101 4.60 20.27 7.59
C TYR A 101 5.54 21.45 7.35
N ARG A 102 5.10 22.45 6.61
CA ARG A 102 5.91 23.65 6.41
C ARG A 102 6.01 24.47 7.70
N GLU A 103 4.94 24.51 8.48
CA GLU A 103 4.95 25.25 9.73
C GLU A 103 5.95 24.65 10.71
N LEU A 104 5.90 23.33 10.89
CA LEU A 104 6.84 22.69 11.80
C LEU A 104 8.28 22.81 11.31
N GLN A 105 8.48 22.98 10.00
CA GLN A 105 9.81 23.23 9.48
C GLN A 105 10.27 24.66 9.75
N LYS A 106 9.34 25.61 9.74
CA LYS A 106 9.71 27.01 10.00
C LYS A 106 9.76 27.33 11.48
N LEU A 107 8.92 26.67 12.29
CA LEU A 107 8.85 26.96 13.72
C LEU A 107 9.48 25.88 14.59
N SER A 108 9.64 24.67 14.08
CA SER A 108 10.25 23.56 14.81
C SER A 108 9.29 22.96 15.84
N LYS A 109 8.25 23.70 16.21
CA LYS A 109 7.26 23.23 17.17
C LYS A 109 6.18 24.31 17.27
N PHE A 110 5.10 23.97 17.98
CA PHE A 110 3.97 24.86 18.14
C PHE A 110 3.79 25.21 19.62
N ASP A 111 3.06 26.29 19.86
CA ASP A 111 2.67 26.67 21.20
C ASP A 111 1.42 25.90 21.62
N GLU A 112 1.24 25.78 22.94
CA GLU A 112 0.11 25.01 23.46
C GLU A 112 -1.23 25.57 23.00
N GLN A 113 -1.28 26.83 22.58
CA GLN A 113 -2.51 27.40 22.05
C GLN A 113 -2.81 26.89 20.65
N ARG A 114 -1.76 26.70 19.84
CA ARG A 114 -1.95 26.20 18.48
C ARG A 114 -2.19 24.69 18.48
N THR A 115 -1.52 23.96 19.36
CA THR A 115 -1.71 22.51 19.43
C THR A 115 -3.10 22.18 19.95
N ALA A 116 -3.45 22.68 21.14
CA ALA A 116 -4.77 22.44 21.69
C ALA A 116 -5.87 22.81 20.70
N THR A 117 -5.64 23.83 19.87
CA THR A 117 -6.61 24.19 18.85
C THR A 117 -6.64 23.13 17.74
N TYR A 118 -5.47 22.77 17.21
CA TYR A 118 -5.42 21.74 16.17
C TYR A 118 -5.96 20.41 16.69
N ILE A 119 -5.60 20.06 17.93
CA ILE A 119 -6.13 18.81 18.51
C ILE A 119 -7.64 18.87 18.60
N THR A 120 -8.21 20.05 18.82
CA THR A 120 -9.66 20.17 18.91
C THR A 120 -10.31 19.99 17.54
N GLU A 121 -9.66 20.50 16.48
CA GLU A 121 -10.20 20.31 15.14
C GLU A 121 -10.13 18.84 14.73
N LEU A 122 -8.99 18.19 14.99
CA LEU A 122 -8.82 16.80 14.58
C LEU A 122 -9.75 15.88 15.36
N ALA A 123 -9.85 16.07 16.68
CA ALA A 123 -10.77 15.27 17.48
C ALA A 123 -12.18 15.33 16.91
N ASN A 124 -12.57 16.48 16.36
CA ASN A 124 -13.87 16.59 15.70
C ASN A 124 -13.88 15.83 14.39
N ALA A 125 -12.88 16.08 13.53
CA ALA A 125 -12.79 15.37 12.27
C ALA A 125 -12.76 13.86 12.47
N LEU A 126 -12.04 13.40 13.50
CA LEU A 126 -11.99 11.98 13.79
C LEU A 126 -13.35 11.46 14.25
N SER A 127 -14.05 12.23 15.07
CA SER A 127 -15.37 11.79 15.53
C SER A 127 -16.36 11.73 14.37
N TYR A 128 -16.26 12.66 13.42
CA TYR A 128 -17.10 12.60 12.24
C TYR A 128 -16.84 11.33 11.44
N CYS A 129 -15.57 10.95 11.29
CA CYS A 129 -15.25 9.71 10.59
C CYS A 129 -15.82 8.51 11.34
N HIS A 130 -15.71 8.50 12.67
CA HIS A 130 -16.26 7.39 13.44
C HIS A 130 -17.77 7.29 13.24
N SER A 131 -18.44 8.44 13.11
CA SER A 131 -19.88 8.41 12.83
C SER A 131 -20.17 7.64 11.55
N LYS A 132 -19.32 7.80 10.54
CA LYS A 132 -19.42 7.05 9.30
C LYS A 132 -18.68 5.72 9.37
N ARG A 133 -18.31 5.27 10.56
CA ARG A 133 -17.69 3.96 10.77
C ARG A 133 -16.32 3.85 10.12
N VAL A 134 -15.71 4.98 9.75
CA VAL A 134 -14.38 4.99 9.14
C VAL A 134 -13.35 5.25 10.23
N ILE A 135 -12.30 4.42 10.27
CA ILE A 135 -11.28 4.50 11.30
C ILE A 135 -9.90 4.54 10.64
N HIS A 136 -8.88 4.76 11.47
CA HIS A 136 -7.49 4.77 11.05
C HIS A 136 -7.27 5.75 9.90
N ARG A 137 -7.33 7.03 10.26
CA ARG A 137 -7.07 8.12 9.33
C ARG A 137 -5.69 8.69 9.60
N ASP A 138 -4.84 8.72 8.59
CA ASP A 138 -3.49 9.22 8.75
C ASP A 138 -3.53 10.73 8.96
N ILE A 139 -3.12 11.18 10.14
CA ILE A 139 -3.14 12.59 10.48
C ILE A 139 -1.74 13.05 10.85
N LYS A 140 -0.75 12.68 10.05
CA LYS A 140 0.60 13.16 10.23
C LYS A 140 0.76 14.56 9.65
N PRO A 141 1.78 15.30 10.08
CA PRO A 141 1.94 16.67 9.58
C PRO A 141 1.95 16.77 8.06
N GLU A 142 2.39 15.72 7.36
CA GLU A 142 2.40 15.76 5.90
C GLU A 142 0.99 15.89 5.35
N ASN A 143 0.04 15.13 5.90
CA ASN A 143 -1.32 15.08 5.41
C ASN A 143 -2.24 16.08 6.10
N LEU A 144 -1.71 17.22 6.55
CA LEU A 144 -2.49 18.24 7.22
C LEU A 144 -2.27 19.57 6.51
N LEU A 145 -3.35 20.17 6.02
CA LEU A 145 -3.30 21.45 5.34
C LEU A 145 -4.00 22.51 6.17
N LEU A 146 -3.70 23.77 5.87
CA LEU A 146 -4.27 24.91 6.58
C LEU A 146 -5.14 25.69 5.60
N GLY A 147 -6.43 25.79 5.91
CA GLY A 147 -7.38 26.44 5.02
C GLY A 147 -7.24 27.95 5.01
N SER A 148 -8.36 28.65 4.81
CA SER A 148 -8.34 30.11 4.77
C SER A 148 -8.32 30.71 6.17
N ALA A 149 -9.27 30.30 7.02
CA ALA A 149 -9.38 30.81 8.39
C ALA A 149 -8.54 30.01 9.37
N GLY A 150 -7.31 29.65 8.99
CA GLY A 150 -6.48 28.82 9.85
C GLY A 150 -7.09 27.48 10.18
N GLU A 151 -8.09 27.05 9.41
CA GLU A 151 -8.77 25.79 9.67
C GLU A 151 -7.90 24.62 9.23
N LEU A 152 -7.64 23.70 10.15
CA LEU A 152 -6.87 22.50 9.82
C LEU A 152 -7.75 21.54 9.02
N LYS A 153 -7.23 21.10 7.87
CA LYS A 153 -7.97 20.22 6.98
C LYS A 153 -7.14 18.98 6.67
N ILE A 154 -7.74 17.81 6.88
CA ILE A 154 -7.07 16.54 6.63
C ILE A 154 -7.08 16.26 5.13
N ALA A 155 -5.97 15.69 4.64
CA ALA A 155 -5.82 15.37 3.22
C ALA A 155 -5.13 14.01 3.11
N ASP A 156 -5.93 12.95 2.95
CA ASP A 156 -5.42 11.59 2.86
C ASP A 156 -5.59 11.12 1.41
N PHE A 157 -4.49 11.10 0.66
CA PHE A 157 -4.51 10.63 -0.72
C PHE A 157 -3.24 9.84 -1.03
N GLY A 158 -2.10 10.52 -1.06
CA GLY A 158 -0.84 9.87 -1.34
C GLY A 158 0.31 10.86 -1.45
N TRP A 159 1.04 10.83 -2.56
CA TRP A 159 2.16 11.74 -2.78
C TRP A 159 3.22 11.57 -1.70
N CYS A 172 12.02 6.11 9.05
CA CYS A 172 10.85 5.59 9.74
C CYS A 172 9.61 5.64 8.85
N GLY A 173 9.01 6.82 8.74
CA GLY A 173 7.80 6.98 7.97
C GLY A 173 6.55 6.95 8.83
N THR A 174 5.46 6.42 8.28
CA THR A 174 4.22 6.30 9.06
C THR A 174 4.38 5.37 10.26
N LEU A 175 5.47 4.61 10.33
CA LEU A 175 5.68 3.70 11.45
C LEU A 175 5.61 4.44 12.79
N ASP A 176 6.19 5.64 12.85
CA ASP A 176 6.22 6.38 14.11
C ASP A 176 4.83 6.64 14.65
N TYR A 177 3.83 6.75 13.77
CA TYR A 177 2.46 7.07 14.16
C TYR A 177 1.58 5.84 14.28
N LEU A 178 2.17 4.65 14.34
CA LEU A 178 1.38 3.42 14.43
C LEU A 178 1.23 2.98 15.89
N PRO A 179 0.04 2.53 16.29
CA PRO A 179 -0.15 2.12 17.68
C PRO A 179 0.56 0.81 17.97
N PRO A 180 0.61 0.38 19.23
CA PRO A 180 1.30 -0.87 19.56
C PRO A 180 0.55 -2.14 19.19
N GLU A 181 -0.73 -2.03 18.81
CA GLU A 181 -1.48 -3.21 18.40
C GLU A 181 -1.44 -3.46 16.89
N MET A 182 -0.84 -2.54 16.11
CA MET A 182 -0.69 -2.72 14.68
C MET A 182 0.72 -3.15 14.29
N ILE A 183 1.75 -2.69 15.01
CA ILE A 183 3.10 -3.16 14.75
C ILE A 183 3.26 -4.60 15.21
N GLU A 184 2.54 -5.00 16.27
CA GLU A 184 2.59 -6.37 16.74
C GLU A 184 1.80 -7.33 15.86
N GLY A 185 0.92 -6.80 15.00
CA GLY A 185 0.13 -7.65 14.12
C GLY A 185 -1.09 -8.23 14.78
N ARG A 186 -1.98 -7.36 15.26
CA ARG A 186 -3.20 -7.78 15.93
C ARG A 186 -4.37 -6.94 15.45
N MET A 187 -5.57 -7.37 15.80
CA MET A 187 -6.78 -6.64 15.40
C MET A 187 -6.82 -5.28 16.08
N HIS A 188 -7.34 -4.30 15.35
CA HIS A 188 -7.43 -2.93 15.86
C HIS A 188 -8.85 -2.40 15.61
N ASP A 189 -9.18 -1.33 16.33
CA ASP A 189 -10.50 -0.73 16.24
C ASP A 189 -10.33 0.79 16.11
N GLU A 190 -11.36 1.54 16.51
CA GLU A 190 -11.36 2.99 16.37
C GLU A 190 -10.38 3.68 17.31
N LYS A 191 -9.77 2.94 18.23
CA LYS A 191 -8.85 3.54 19.20
C LYS A 191 -7.48 3.86 18.61
N VAL A 192 -7.18 3.38 17.39
CA VAL A 192 -5.93 3.75 16.75
C VAL A 192 -5.88 5.25 16.48
N ASP A 193 -7.05 5.90 16.38
CA ASP A 193 -7.09 7.34 16.17
C ASP A 193 -6.73 8.10 17.44
N LEU A 194 -7.09 7.56 18.60
CA LEU A 194 -6.69 8.18 19.86
C LEU A 194 -5.18 8.11 20.05
N TRP A 195 -4.56 7.01 19.64
CA TRP A 195 -3.11 6.90 19.72
C TRP A 195 -2.43 7.94 18.84
N SER A 196 -2.76 7.94 17.55
CA SER A 196 -2.14 8.90 16.63
C SER A 196 -2.46 10.33 17.03
N LEU A 197 -3.63 10.56 17.64
CA LEU A 197 -3.95 11.89 18.13
C LEU A 197 -2.98 12.33 19.23
N GLY A 198 -2.73 11.44 20.19
CA GLY A 198 -1.75 11.74 21.22
C GLY A 198 -0.35 11.85 20.68
N VAL A 199 0.03 10.93 19.78
CA VAL A 199 1.33 11.02 19.12
C VAL A 199 1.48 12.36 18.42
N LEU A 200 0.43 12.80 17.73
CA LEU A 200 0.49 14.07 17.01
C LEU A 200 0.63 15.24 17.96
N CYS A 201 -0.14 15.23 19.06
CA CYS A 201 -0.01 16.30 20.05
C CYS A 201 1.41 16.36 20.61
N TYR A 202 2.08 15.22 20.72
CA TYR A 202 3.45 15.21 21.23
C TYR A 202 4.42 15.88 20.26
N GLU A 203 4.19 15.70 18.96
CA GLU A 203 5.10 16.28 17.97
C GLU A 203 4.91 17.78 17.85
N PHE A 204 3.66 18.25 17.88
CA PHE A 204 3.41 19.69 17.82
C PHE A 204 4.10 20.43 18.96
N LEU A 205 4.16 19.80 20.15
CA LEU A 205 4.75 20.45 21.30
C LEU A 205 6.28 20.31 21.30
N VAL A 206 6.78 19.13 20.94
CA VAL A 206 8.21 18.85 21.03
C VAL A 206 8.86 19.05 19.66
N GLY A 207 8.12 18.76 18.60
CA GLY A 207 8.67 18.81 17.26
C GLY A 207 9.31 17.53 16.78
N LYS A 208 9.09 16.42 17.48
CA LYS A 208 9.69 15.13 17.15
C LYS A 208 8.70 14.04 17.48
N PRO A 209 8.75 12.90 16.78
CA PRO A 209 7.92 11.75 17.19
C PRO A 209 8.39 11.20 18.53
N PRO A 210 7.46 10.86 19.42
CA PRO A 210 7.88 10.37 20.74
C PRO A 210 8.59 9.02 20.69
N PHE A 211 8.31 8.19 19.69
CA PHE A 211 8.88 6.86 19.59
C PHE A 211 9.86 6.74 18.42
N GLU A 212 10.50 7.84 18.05
CA GLU A 212 11.47 7.82 16.96
C GLU A 212 12.78 7.23 17.46
N ALA A 213 13.20 6.10 16.86
CA ALA A 213 14.44 5.44 17.23
C ALA A 213 15.29 5.27 15.98
N ASN A 214 16.50 4.74 16.17
CA ASN A 214 17.46 4.64 15.08
C ASN A 214 17.04 3.57 14.07
N THR A 215 16.86 2.34 14.52
CA THR A 215 16.56 1.22 13.64
C THR A 215 15.13 0.73 13.87
N TYR A 216 14.70 -0.18 13.00
CA TYR A 216 13.36 -0.75 13.12
C TYR A 216 13.21 -1.54 14.42
N GLN A 217 14.19 -2.40 14.72
CA GLN A 217 14.12 -3.20 15.94
C GLN A 217 13.97 -2.32 17.17
N GLU A 218 14.63 -1.17 17.18
CA GLU A 218 14.52 -0.26 18.32
C GLU A 218 13.21 0.51 18.29
N THR A 219 12.85 1.04 17.11
CA THR A 219 11.59 1.76 16.98
C THR A 219 10.40 0.88 17.35
N TYR A 220 10.50 -0.42 17.10
CA TYR A 220 9.40 -1.33 17.42
C TYR A 220 9.23 -1.47 18.93
N LYS A 221 10.33 -1.76 19.64
CA LYS A 221 10.23 -1.95 21.09
C LYS A 221 9.66 -0.71 21.77
N ARG A 222 10.25 0.46 21.49
CA ARG A 222 9.78 1.69 22.14
C ARG A 222 8.29 1.91 21.96
N ILE A 223 7.74 1.50 20.82
CA ILE A 223 6.30 1.65 20.61
C ILE A 223 5.54 0.54 21.32
N SER A 224 6.06 -0.69 21.29
CA SER A 224 5.39 -1.80 21.94
C SER A 224 5.44 -1.69 23.46
N ARG A 225 6.45 -1.00 23.99
CA ARG A 225 6.63 -0.83 25.42
C ARG A 225 6.32 0.59 25.89
N VAL A 226 5.98 1.50 24.97
CA VAL A 226 5.68 2.89 25.33
C VAL A 226 6.86 3.48 26.08
N GLU A 227 7.96 3.71 25.37
CA GLU A 227 9.17 4.27 25.97
C GLU A 227 9.37 5.67 25.40
N PHE A 228 8.72 6.65 26.02
CA PHE A 228 8.89 8.05 25.65
C PHE A 228 9.00 8.87 26.92
N THR A 229 9.45 10.13 26.75
CA THR A 229 9.70 11.01 27.89
C THR A 229 9.17 12.41 27.57
N PHE A 230 8.80 13.13 28.62
CA PHE A 230 8.32 14.50 28.48
C PHE A 230 9.46 15.46 28.78
N PRO A 231 9.86 16.31 27.85
CA PRO A 231 10.87 17.33 28.17
C PRO A 231 10.41 18.21 29.32
N ASP A 232 11.33 19.08 29.76
CA ASP A 232 11.03 19.94 30.91
C ASP A 232 9.96 20.98 30.59
N PHE A 233 9.87 21.41 29.34
CA PHE A 233 8.92 22.45 28.95
C PHE A 233 7.56 21.91 28.54
N VAL A 234 7.18 20.75 29.06
CA VAL A 234 5.87 20.15 28.81
C VAL A 234 5.05 20.26 30.09
N THR A 235 3.96 21.03 30.04
CA THR A 235 3.14 21.28 31.21
C THR A 235 2.51 19.98 31.71
N GLU A 236 1.91 20.06 32.90
CA GLU A 236 1.23 18.90 33.47
C GLU A 236 -0.07 18.61 32.72
N GLY A 237 -0.78 19.65 32.30
CA GLY A 237 -2.00 19.45 31.54
C GLY A 237 -1.75 18.67 30.27
N ALA A 238 -0.79 19.11 29.46
CA ALA A 238 -0.44 18.39 28.25
C ALA A 238 0.10 17.00 28.58
N ARG A 239 1.02 16.92 29.56
CA ARG A 239 1.59 15.63 29.93
C ARG A 239 0.50 14.64 30.31
N ASP A 240 -0.55 15.12 31.00
CA ASP A 240 -1.63 14.23 31.40
C ASP A 240 -2.40 13.72 30.19
N LEU A 241 -2.69 14.61 29.24
CA LEU A 241 -3.44 14.21 28.05
C LEU A 241 -2.65 13.20 27.23
N ILE A 242 -1.40 13.52 26.90
CA ILE A 242 -0.56 12.60 26.14
C ILE A 242 -0.43 11.27 26.89
N SER A 243 -0.26 11.33 28.21
CA SER A 243 -0.21 10.11 29.00
C SER A 243 -1.49 9.30 28.85
N ARG A 244 -2.64 9.97 28.90
CA ARG A 244 -3.92 9.25 28.78
C ARG A 244 -4.10 8.68 27.38
N LEU A 245 -3.72 9.44 26.35
CA LEU A 245 -3.91 8.98 24.98
C LEU A 245 -2.96 7.86 24.62
N LEU A 246 -1.75 7.85 25.20
CA LEU A 246 -0.74 6.85 24.86
C LEU A 246 -0.76 5.72 25.88
N LYS A 247 -1.80 4.90 25.77
CA LYS A 247 -1.97 3.73 26.62
C LYS A 247 -1.75 2.47 25.79
N HIS A 248 -0.91 1.56 26.29
CA HIS A 248 -0.63 0.33 25.56
C HIS A 248 -1.92 -0.42 25.22
N ASN A 249 -2.83 -0.53 26.18
CA ASN A 249 -4.08 -1.24 25.96
C ASN A 249 -5.10 -0.31 25.34
N PRO A 250 -5.60 -0.58 24.13
CA PRO A 250 -6.56 0.35 23.51
C PRO A 250 -7.77 0.65 24.37
N SER A 251 -8.19 -0.29 25.23
CA SER A 251 -9.32 -0.03 26.11
C SER A 251 -9.01 1.07 27.10
N GLN A 252 -7.75 1.19 27.52
CA GLN A 252 -7.34 2.21 28.48
C GLN A 252 -7.26 3.61 27.88
N ARG A 253 -7.36 3.73 26.55
CA ARG A 253 -7.31 5.04 25.92
C ARG A 253 -8.67 5.75 26.05
N PRO A 254 -8.67 7.09 26.04
CA PRO A 254 -9.92 7.81 26.25
C PRO A 254 -10.86 7.73 25.06
N MET A 255 -11.94 8.50 25.08
CA MET A 255 -12.87 8.60 23.98
C MET A 255 -12.84 10.02 23.44
N LEU A 256 -13.04 10.15 22.12
CA LEU A 256 -12.92 11.46 21.48
C LEU A 256 -13.77 12.51 22.18
N ARG A 257 -14.94 12.12 22.67
CA ARG A 257 -15.78 13.06 23.40
C ARG A 257 -15.06 13.60 24.64
N GLU A 258 -14.33 12.73 25.35
CA GLU A 258 -13.61 13.16 26.55
C GLU A 258 -12.46 14.10 26.19
N VAL A 259 -11.76 13.82 25.09
CA VAL A 259 -10.66 14.69 24.68
C VAL A 259 -11.14 16.12 24.55
N LEU A 260 -12.23 16.34 23.81
CA LEU A 260 -12.74 17.69 23.60
C LEU A 260 -13.02 18.40 24.91
N GLU A 261 -13.37 17.65 25.96
CA GLU A 261 -13.67 18.21 27.27
C GLU A 261 -12.50 18.08 28.23
N HIS A 262 -11.26 18.11 27.72
CA HIS A 262 -10.09 18.01 28.57
C HIS A 262 -9.68 19.41 29.05
N PRO A 263 -9.31 19.56 30.34
CA PRO A 263 -8.99 20.92 30.83
C PRO A 263 -7.90 21.61 30.04
N TRP A 264 -6.90 20.87 29.56
CA TRP A 264 -5.76 21.49 28.90
C TRP A 264 -6.16 22.20 27.61
N ILE A 265 -7.12 21.65 26.86
CA ILE A 265 -7.53 22.27 25.60
C ILE A 265 -8.70 23.22 25.76
N THR A 266 -9.53 23.06 26.80
CA THR A 266 -10.61 24.00 27.04
C THR A 266 -10.12 25.39 27.41
N ALA A 267 -8.85 25.50 27.83
CA ALA A 267 -8.28 26.79 28.21
C ALA A 267 -7.31 27.35 27.17
N ASN A 268 -6.75 26.52 26.31
CA ASN A 268 -5.76 26.97 25.33
C ASN A 268 -6.34 27.18 23.93
N SER A 269 -7.58 26.76 23.69
CA SER A 269 -8.19 26.95 22.38
C SER A 269 -8.26 28.43 22.01
N SER B 5 -7.12 13.35 -26.30
CA SER B 5 -8.06 12.61 -27.12
C SER B 5 -7.66 11.13 -27.18
N VAL B 6 -8.23 10.34 -26.29
CA VAL B 6 -7.94 8.92 -26.18
C VAL B 6 -9.23 8.14 -26.42
N PRO B 7 -9.31 7.28 -27.46
CA PRO B 7 -8.28 7.00 -28.47
C PRO B 7 -7.94 8.21 -29.33
N THR B 8 -6.91 8.08 -30.16
CA THR B 8 -6.42 9.20 -30.97
C THR B 8 -6.79 9.07 -32.44
N LYS B 9 -6.59 7.89 -33.03
CA LYS B 9 -6.78 7.70 -34.47
C LYS B 9 -8.16 7.22 -34.83
N LEU B 10 -9.21 7.75 -34.20
CA LEU B 10 -10.58 7.39 -34.55
C LEU B 10 -10.86 7.79 -35.99
N GLU B 11 -11.03 6.80 -36.87
CA GLU B 11 -11.27 7.06 -38.29
C GLU B 11 -12.18 5.96 -38.84
N VAL B 12 -12.55 6.11 -40.10
CA VAL B 12 -13.38 5.15 -40.81
C VAL B 12 -12.51 4.38 -41.78
N VAL B 13 -12.46 3.05 -41.62
CA VAL B 13 -11.68 2.20 -42.51
C VAL B 13 -12.54 1.80 -43.69
N ALA B 14 -13.58 1.02 -43.43
CA ALA B 14 -14.51 0.58 -44.45
C ALA B 14 -15.89 1.18 -44.17
N ALA B 15 -16.81 0.96 -45.12
CA ALA B 15 -18.16 1.50 -44.99
C ALA B 15 -19.05 0.82 -46.03
N THR B 16 -20.34 1.05 -45.90
CA THR B 16 -21.34 0.50 -46.82
C THR B 16 -22.71 1.03 -46.44
N PRO B 17 -23.68 1.00 -47.35
CA PRO B 17 -25.03 1.50 -47.00
C PRO B 17 -25.65 0.77 -45.82
N THR B 18 -25.15 -0.41 -45.46
CA THR B 18 -25.70 -1.21 -44.37
C THR B 18 -24.92 -1.05 -43.07
N SER B 19 -23.60 -1.25 -43.11
CA SER B 19 -22.78 -1.23 -41.91
C SER B 19 -21.57 -0.31 -42.14
N LEU B 20 -20.77 -0.15 -41.08
CA LEU B 20 -19.66 0.79 -41.08
C LEU B 20 -18.59 0.30 -40.11
N LEU B 21 -17.34 0.23 -40.58
CA LEU B 21 -16.23 -0.24 -39.78
C LEU B 21 -15.42 0.94 -39.28
N ILE B 22 -15.19 0.99 -37.96
CA ILE B 22 -14.44 2.06 -37.33
C ILE B 22 -13.16 1.45 -36.74
N SER B 23 -12.14 2.30 -36.59
CA SER B 23 -10.87 1.86 -36.04
C SER B 23 -10.23 3.03 -35.30
N TRP B 24 -9.31 2.69 -34.40
CA TRP B 24 -8.58 3.67 -33.62
C TRP B 24 -7.22 3.11 -33.24
N ASP B 25 -6.24 4.00 -33.10
CA ASP B 25 -4.90 3.58 -32.74
C ASP B 25 -4.89 2.91 -31.38
N ALA B 26 -4.11 1.84 -31.26
CA ALA B 26 -3.99 1.14 -29.98
C ALA B 26 -3.55 2.14 -28.90
N PRO B 27 -4.21 2.16 -27.74
CA PRO B 27 -3.88 3.17 -26.73
C PRO B 27 -2.53 2.93 -26.05
N ALA B 28 -1.88 1.80 -26.28
CA ALA B 28 -0.62 1.46 -25.63
C ALA B 28 -0.76 1.42 -24.11
N VAL B 29 -1.99 1.29 -23.61
CA VAL B 29 -2.25 1.24 -22.18
C VAL B 29 -3.39 0.25 -21.93
N THR B 30 -3.42 -0.30 -20.72
CA THR B 30 -4.43 -1.28 -20.36
C THR B 30 -5.83 -0.68 -20.40
N VAL B 31 -6.66 -1.14 -21.33
CA VAL B 31 -8.04 -0.69 -21.47
C VAL B 31 -8.95 -1.88 -21.21
N VAL B 32 -9.95 -1.68 -20.37
CA VAL B 32 -10.88 -2.76 -20.04
C VAL B 32 -11.79 -3.04 -21.23
N HIS B 33 -12.40 -1.99 -21.79
CA HIS B 33 -13.32 -2.14 -22.91
C HIS B 33 -13.63 -0.75 -23.43
N TYR B 34 -14.14 -0.70 -24.67
CA TYR B 34 -14.52 0.53 -25.33
C TYR B 34 -16.04 0.64 -25.40
N VAL B 35 -16.55 1.84 -25.17
CA VAL B 35 -17.97 2.14 -25.30
C VAL B 35 -18.15 3.06 -26.51
N ILE B 36 -18.98 2.64 -27.45
CA ILE B 36 -19.22 3.37 -28.69
C ILE B 36 -20.65 3.88 -28.66
N THR B 37 -20.84 5.16 -29.00
CA THR B 37 -22.16 5.77 -29.10
C THR B 37 -22.23 6.52 -30.42
N TYR B 38 -23.32 6.32 -31.15
CA TYR B 38 -23.49 6.94 -32.47
C TYR B 38 -24.94 7.36 -32.66
N GLY B 39 -25.13 8.51 -33.29
CA GLY B 39 -26.47 9.02 -33.55
C GLY B 39 -26.41 10.20 -34.50
N GLU B 40 -27.58 10.54 -35.04
CA GLU B 40 -27.68 11.64 -35.98
C GLU B 40 -27.12 12.92 -35.37
N THR B 41 -26.06 13.44 -35.98
CA THR B 41 -25.41 14.64 -35.45
C THR B 41 -26.36 15.83 -35.51
N GLY B 42 -25.89 16.95 -34.94
CA GLY B 42 -26.70 18.15 -34.90
C GLY B 42 -27.77 18.17 -33.84
N GLY B 43 -27.81 17.16 -32.97
CA GLY B 43 -28.81 17.10 -31.93
C GLY B 43 -30.11 16.49 -32.40
N ASN B 44 -30.08 15.20 -32.75
CA ASN B 44 -31.22 14.47 -33.26
C ASN B 44 -31.67 13.44 -32.23
N SER B 45 -32.22 12.31 -32.70
CA SER B 45 -32.71 11.27 -31.81
C SER B 45 -31.60 10.80 -30.87
N PRO B 46 -31.97 10.24 -29.71
CA PRO B 46 -30.93 9.71 -28.79
C PRO B 46 -29.99 8.73 -29.48
N VAL B 47 -28.83 8.49 -28.85
CA VAL B 47 -27.79 7.66 -29.44
C VAL B 47 -28.00 6.19 -29.08
N GLN B 48 -27.14 5.32 -29.60
CA GLN B 48 -27.20 3.89 -29.35
C GLN B 48 -25.83 3.43 -28.86
N GLU B 49 -25.82 2.67 -27.77
CA GLU B 49 -24.58 2.28 -27.11
C GLU B 49 -24.35 0.77 -27.25
N PHE B 50 -23.08 0.40 -27.29
CA PHE B 50 -22.66 -1.00 -27.24
C PHE B 50 -21.17 -1.03 -26.93
N THR B 51 -20.74 -2.08 -26.23
CA THR B 51 -19.39 -2.18 -25.73
C THR B 51 -18.53 -3.07 -26.62
N VAL B 52 -17.22 -2.92 -26.48
CA VAL B 52 -16.25 -3.68 -27.28
C VAL B 52 -15.09 -4.10 -26.38
N PRO B 53 -14.60 -5.33 -26.48
CA PRO B 53 -13.47 -5.75 -25.63
C PRO B 53 -12.34 -4.72 -25.65
N GLY B 54 -11.61 -4.66 -24.53
CA GLY B 54 -10.52 -3.71 -24.40
C GLY B 54 -9.29 -4.07 -25.20
N SER B 55 -9.23 -5.27 -25.77
CA SER B 55 -8.11 -5.65 -26.62
C SER B 55 -8.31 -5.23 -28.07
N LYS B 56 -9.55 -5.26 -28.55
CA LYS B 56 -9.81 -4.89 -29.94
C LYS B 56 -9.52 -3.41 -30.18
N SER B 57 -9.19 -3.09 -31.42
CA SER B 57 -8.94 -1.71 -31.84
C SER B 57 -9.89 -1.28 -32.96
N THR B 58 -10.96 -2.02 -33.21
CA THR B 58 -11.91 -1.70 -34.25
C THR B 58 -13.33 -1.96 -33.72
N ALA B 59 -14.32 -1.70 -34.57
CA ALA B 59 -15.71 -1.87 -34.19
C ALA B 59 -16.58 -1.71 -35.42
N THR B 60 -17.66 -2.48 -35.47
CA THR B 60 -18.60 -2.46 -36.59
C THR B 60 -19.96 -1.95 -36.11
N ILE B 61 -20.54 -1.05 -36.92
CA ILE B 61 -21.86 -0.48 -36.63
C ILE B 61 -22.76 -0.81 -37.81
N SER B 62 -23.80 -1.59 -37.56
CA SER B 62 -24.72 -2.03 -38.60
C SER B 62 -26.11 -1.43 -38.39
N GLY B 63 -26.87 -1.36 -39.47
CA GLY B 63 -28.23 -0.85 -39.42
C GLY B 63 -28.32 0.66 -39.45
N LEU B 64 -27.72 1.27 -40.47
CA LEU B 64 -27.74 2.72 -40.64
C LEU B 64 -28.44 3.09 -41.94
N LYS B 65 -29.01 4.30 -41.97
CA LYS B 65 -29.70 4.80 -43.15
C LYS B 65 -28.74 5.63 -44.00
N PRO B 66 -28.67 5.39 -45.31
CA PRO B 66 -27.70 6.12 -46.13
C PRO B 66 -28.04 7.61 -46.22
N GLY B 67 -27.01 8.44 -46.11
CA GLY B 67 -27.16 9.87 -46.24
C GLY B 67 -26.99 10.62 -44.94
N VAL B 68 -27.62 10.12 -43.87
CA VAL B 68 -27.60 10.85 -42.60
C VAL B 68 -26.18 10.97 -42.09
N ASP B 69 -25.92 12.04 -41.34
CA ASP B 69 -24.64 12.28 -40.70
C ASP B 69 -24.70 11.82 -39.25
N TYR B 70 -23.63 11.17 -38.78
CA TYR B 70 -23.59 10.58 -37.45
C TYR B 70 -22.33 11.02 -36.72
N THR B 71 -22.48 11.31 -35.43
CA THR B 71 -21.35 11.57 -34.53
C THR B 71 -21.02 10.28 -33.80
N ILE B 72 -19.86 9.70 -34.12
CA ILE B 72 -19.43 8.44 -33.53
C ILE B 72 -18.44 8.75 -32.42
N THR B 73 -18.88 8.61 -31.17
CA THR B 73 -18.06 8.87 -30.00
C THR B 73 -17.61 7.54 -29.41
N VAL B 74 -16.30 7.40 -29.19
CA VAL B 74 -15.70 6.19 -28.66
C VAL B 74 -15.06 6.52 -27.32
N TYR B 75 -15.48 5.83 -26.27
CA TYR B 75 -14.94 5.99 -24.93
C TYR B 75 -14.02 4.83 -24.62
N ALA B 76 -12.81 5.14 -24.16
CA ALA B 76 -11.86 4.13 -23.68
C ALA B 76 -11.91 4.10 -22.17
N ILE B 77 -12.24 2.94 -21.60
CA ILE B 77 -12.46 2.80 -20.17
C ILE B 77 -11.19 2.26 -19.52
N ASP B 78 -10.72 2.97 -18.49
CA ASP B 78 -9.61 2.50 -17.66
C ASP B 78 -10.20 1.91 -16.38
N PHE B 79 -9.69 0.74 -16.00
CA PHE B 79 -10.26 0.02 -14.86
C PHE B 79 -10.34 0.91 -13.62
N TYR B 80 -9.25 1.61 -13.32
CA TYR B 80 -9.19 2.37 -12.07
C TYR B 80 -9.83 3.73 -12.21
N TRP B 81 -9.52 4.46 -13.28
CA TRP B 81 -9.86 5.88 -13.40
C TRP B 81 -10.92 6.15 -14.44
N GLY B 82 -11.76 5.15 -14.74
CA GLY B 82 -12.89 5.38 -15.64
C GLY B 82 -12.45 5.71 -17.05
N SER B 83 -13.31 6.46 -17.75
CA SER B 83 -13.12 6.73 -19.17
C SER B 83 -12.19 7.91 -19.39
N TYR B 84 -11.46 7.87 -20.49
CA TYR B 84 -10.63 8.98 -20.92
C TYR B 84 -11.49 10.06 -21.56
N SER B 85 -10.85 11.14 -22.00
CA SER B 85 -11.54 12.15 -22.79
C SER B 85 -11.89 11.56 -24.15
N PRO B 86 -13.16 11.41 -24.50
CA PRO B 86 -13.51 10.68 -25.72
C PRO B 86 -13.01 11.41 -26.97
N ILE B 87 -13.19 10.72 -28.10
CA ILE B 87 -12.88 11.28 -29.41
C ILE B 87 -14.07 11.00 -30.33
N SER B 88 -14.57 12.03 -30.98
CA SER B 88 -15.73 11.92 -31.85
C SER B 88 -15.39 12.42 -33.24
N ILE B 89 -15.98 11.79 -34.24
CA ILE B 89 -15.83 12.18 -35.64
C ILE B 89 -17.18 12.07 -36.33
N ASN B 90 -17.46 12.99 -37.23
CA ASN B 90 -18.69 12.96 -38.02
C ASN B 90 -18.46 12.18 -39.30
N TYR B 91 -19.49 11.43 -39.72
CA TYR B 91 -19.41 10.61 -40.92
C TYR B 91 -20.77 10.61 -41.62
N ARG B 92 -20.75 10.79 -42.94
CA ARG B 92 -21.96 10.84 -43.74
C ARG B 92 -21.99 9.63 -44.67
N THR B 93 -23.00 8.79 -44.49
CA THR B 93 -23.18 7.60 -45.33
C THR B 93 -24.36 6.77 -44.83
N GLN C 9 23.09 -16.72 10.60
CA GLN C 9 23.43 -15.77 9.56
C GLN C 9 23.36 -16.43 8.18
N TRP C 10 22.94 -15.65 7.19
CA TRP C 10 22.81 -16.15 5.82
C TRP C 10 23.46 -15.17 4.86
N ALA C 11 23.85 -15.69 3.70
CA ALA C 11 24.49 -14.89 2.67
C ALA C 11 24.15 -15.47 1.30
N LEU C 12 24.35 -14.65 0.27
CA LEU C 12 24.03 -15.07 -1.09
C LEU C 12 24.96 -16.15 -1.61
N GLU C 13 26.14 -16.31 -1.00
CA GLU C 13 27.14 -17.27 -1.45
C GLU C 13 26.92 -18.66 -0.87
N ASP C 14 25.73 -18.95 -0.35
CA ASP C 14 25.42 -20.26 0.22
C ASP C 14 24.28 -20.95 -0.52
N PHE C 15 24.00 -20.54 -1.76
CA PHE C 15 22.90 -21.10 -2.53
C PHE C 15 23.32 -21.32 -3.97
N GLU C 16 22.93 -22.45 -4.53
CA GLU C 16 23.10 -22.73 -5.95
C GLU C 16 21.79 -22.36 -6.64
N ILE C 17 21.75 -21.15 -7.19
CA ILE C 17 20.52 -20.61 -7.78
C ILE C 17 20.22 -21.38 -9.06
N GLY C 18 19.23 -22.25 -9.02
CA GLY C 18 18.77 -22.98 -10.19
C GLY C 18 17.94 -22.09 -11.11
N ARG C 19 17.17 -22.74 -11.97
CA ARG C 19 16.41 -22.01 -12.97
C ARG C 19 15.36 -21.14 -12.28
N PRO C 20 14.92 -20.05 -12.92
CA PRO C 20 13.92 -19.19 -12.31
C PRO C 20 12.60 -19.91 -12.10
N LEU C 21 11.80 -19.39 -11.17
CA LEU C 21 10.44 -19.86 -10.94
C LEU C 21 9.41 -18.76 -11.12
N GLY C 22 9.83 -17.53 -11.40
CA GLY C 22 8.93 -16.41 -11.61
C GLY C 22 9.68 -15.11 -11.79
N LYS C 23 9.28 -14.32 -12.79
CA LYS C 23 9.93 -13.05 -13.10
C LYS C 23 8.85 -11.99 -13.28
N GLY C 24 8.82 -11.02 -12.36
CA GLY C 24 7.87 -9.93 -12.42
C GLY C 24 8.55 -8.60 -12.19
N LYS C 25 7.73 -7.55 -12.22
CA LYS C 25 8.24 -6.20 -11.99
C LYS C 25 8.52 -5.95 -10.51
N PHE C 26 7.85 -6.66 -9.62
CA PHE C 26 8.03 -6.45 -8.18
C PHE C 26 9.24 -7.20 -7.65
N GLY C 27 9.59 -8.34 -8.25
CA GLY C 27 10.74 -9.11 -7.81
C GLY C 27 10.85 -10.39 -8.60
N ASN C 28 11.88 -11.15 -8.28
CA ASN C 28 12.16 -12.42 -8.93
C ASN C 28 12.31 -13.52 -7.89
N VAL C 29 11.87 -14.72 -8.26
CA VAL C 29 11.99 -15.90 -7.40
C VAL C 29 12.71 -16.97 -8.21
N TYR C 30 13.85 -17.43 -7.70
CA TYR C 30 14.67 -18.41 -8.38
C TYR C 30 14.68 -19.73 -7.62
N LEU C 31 14.80 -20.82 -8.36
CA LEU C 31 15.02 -22.13 -7.75
C LEU C 31 16.45 -22.18 -7.20
N ALA C 32 16.58 -22.61 -5.94
CA ALA C 32 17.88 -22.62 -5.28
C ALA C 32 17.98 -23.87 -4.41
N ARG C 33 19.17 -24.06 -3.83
CA ARG C 33 19.42 -25.19 -2.97
C ARG C 33 20.59 -24.90 -2.06
N GLU C 34 20.49 -25.32 -0.80
CA GLU C 34 21.61 -25.21 0.13
C GLU C 34 22.82 -25.94 -0.41
N LYS C 35 24.00 -25.36 -0.23
CA LYS C 35 25.22 -25.96 -0.75
C LYS C 35 25.73 -27.09 0.14
N GLN C 36 25.73 -26.88 1.46
CA GLN C 36 26.28 -27.89 2.36
C GLN C 36 25.48 -29.18 2.31
N SER C 37 24.16 -29.09 2.29
CA SER C 37 23.30 -30.26 2.35
C SER C 37 22.58 -30.57 1.05
N LYS C 38 22.63 -29.68 0.07
CA LYS C 38 21.93 -29.89 -1.21
C LYS C 38 20.42 -29.90 -1.01
N PHE C 39 19.93 -29.06 -0.09
CA PHE C 39 18.52 -29.00 0.25
C PHE C 39 17.81 -28.00 -0.65
N ILE C 40 16.81 -28.49 -1.41
CA ILE C 40 16.10 -27.63 -2.34
C ILE C 40 15.38 -26.52 -1.59
N LEU C 41 15.43 -25.31 -2.14
CA LEU C 41 14.84 -24.14 -1.51
C LEU C 41 14.25 -23.23 -2.56
N ALA C 42 13.55 -22.19 -2.10
CA ALA C 42 12.96 -21.17 -2.96
C ALA C 42 13.43 -19.82 -2.47
N LEU C 43 14.12 -19.07 -3.34
CA LEU C 43 14.71 -17.79 -2.99
C LEU C 43 13.89 -16.68 -3.64
N LYS C 44 13.26 -15.85 -2.81
CA LYS C 44 12.43 -14.75 -3.27
C LYS C 44 13.20 -13.45 -3.15
N VAL C 45 13.41 -12.77 -4.28
CA VAL C 45 14.19 -11.54 -4.33
C VAL C 45 13.25 -10.36 -4.47
N LEU C 46 13.46 -9.34 -3.65
CA LEU C 46 12.69 -8.11 -3.71
C LEU C 46 13.63 -6.93 -3.67
N PHE C 47 13.19 -5.80 -4.25
CA PHE C 47 13.99 -4.60 -4.34
C PHE C 47 13.52 -3.58 -3.31
N LYS C 48 14.46 -3.03 -2.54
CA LYS C 48 14.11 -2.07 -1.51
C LYS C 48 13.48 -0.83 -2.11
N ALA C 49 13.98 -0.37 -3.24
CA ALA C 49 13.45 0.84 -3.88
C ALA C 49 11.94 0.74 -4.03
N GLN C 50 11.46 -0.33 -4.67
CA GLN C 50 10.03 -0.50 -4.84
C GLN C 50 9.32 -0.62 -3.51
N LEU C 51 9.92 -1.35 -2.55
CA LEU C 51 9.32 -1.48 -1.23
C LEU C 51 9.27 -0.15 -0.50
N GLU C 52 10.41 0.54 -0.44
CA GLU C 52 10.44 1.87 0.17
C GLU C 52 9.54 2.84 -0.58
N LYS C 53 9.57 2.79 -1.91
CA LYS C 53 8.78 3.71 -2.71
C LYS C 53 7.28 3.54 -2.47
N ALA C 54 6.85 2.32 -2.16
CA ALA C 54 5.44 2.02 -1.95
C ALA C 54 5.03 2.08 -0.48
N GLY C 55 5.98 2.17 0.44
CA GLY C 55 5.66 2.15 1.86
C GLY C 55 5.35 0.78 2.39
N VAL C 56 5.81 -0.28 1.72
CA VAL C 56 5.53 -1.65 2.13
C VAL C 56 6.73 -2.31 2.81
N GLU C 57 7.92 -1.71 2.74
CA GLU C 57 9.09 -2.32 3.36
C GLU C 57 8.84 -2.65 4.82
N HIS C 58 8.03 -1.83 5.51
CA HIS C 58 7.70 -2.13 6.90
C HIS C 58 6.87 -3.39 7.00
N GLN C 59 5.78 -3.47 6.23
CA GLN C 59 4.93 -4.65 6.26
C GLN C 59 5.73 -5.91 5.97
N LEU C 60 6.64 -5.85 4.98
CA LEU C 60 7.47 -7.01 4.68
C LEU C 60 8.33 -7.40 5.88
N ARG C 61 8.90 -6.40 6.57
CA ARG C 61 9.70 -6.69 7.75
C ARG C 61 8.83 -7.20 8.90
N ARG C 62 7.54 -6.84 8.90
CA ARG C 62 6.64 -7.31 9.94
C ARG C 62 6.29 -8.77 9.75
N GLU C 63 6.08 -9.20 8.50
CA GLU C 63 5.71 -10.59 8.23
C GLU C 63 6.84 -11.54 8.56
N VAL C 64 8.09 -11.13 8.32
CA VAL C 64 9.22 -12.01 8.56
C VAL C 64 9.24 -12.49 10.00
N GLU C 65 9.04 -11.56 10.94
CA GLU C 65 9.04 -11.93 12.35
C GLU C 65 7.79 -12.72 12.71
N ILE C 66 6.64 -12.35 12.13
CA ILE C 66 5.40 -13.03 12.47
C ILE C 66 5.40 -14.46 11.92
N GLN C 67 5.87 -14.65 10.69
CA GLN C 67 5.83 -15.95 10.06
C GLN C 67 7.00 -16.85 10.44
N SER C 68 7.88 -16.40 11.34
CA SER C 68 8.97 -17.24 11.82
C SER C 68 8.60 -18.00 13.09
N HIS C 69 7.69 -17.46 13.90
CA HIS C 69 7.28 -18.08 15.15
C HIS C 69 5.94 -18.81 15.04
N LEU C 70 5.65 -19.36 13.86
CA LEU C 70 4.42 -20.12 13.66
C LEU C 70 4.64 -21.14 12.55
N ARG C 71 4.26 -22.38 12.80
CA ARG C 71 4.38 -23.46 11.83
C ARG C 71 3.02 -24.13 11.67
N HIS C 72 2.74 -24.57 10.43
CA HIS C 72 1.48 -25.21 10.12
C HIS C 72 1.64 -25.94 8.79
N PRO C 73 1.05 -27.12 8.63
CA PRO C 73 1.22 -27.85 7.36
C PRO C 73 0.85 -27.02 6.13
N ASN C 74 -0.24 -26.26 6.20
CA ASN C 74 -0.73 -25.49 5.07
C ASN C 74 -0.26 -24.03 5.10
N ILE C 75 0.88 -23.77 5.73
CA ILE C 75 1.47 -22.43 5.78
C ILE C 75 2.92 -22.56 5.35
N LEU C 76 3.27 -21.88 4.25
CA LEU C 76 4.65 -21.91 3.78
C LEU C 76 5.58 -21.38 4.86
N ARG C 77 6.78 -21.95 4.93
CA ARG C 77 7.74 -21.61 5.97
C ARG C 77 8.75 -20.60 5.47
N LEU C 78 9.24 -19.77 6.39
CA LEU C 78 10.29 -18.79 6.13
C LEU C 78 11.52 -19.21 6.92
N TYR C 79 12.55 -19.66 6.21
CA TYR C 79 13.73 -20.25 6.83
C TYR C 79 14.84 -19.23 7.10
N GLY C 80 14.56 -17.94 6.92
CA GLY C 80 15.54 -16.91 7.18
C GLY C 80 15.43 -15.81 6.16
N TYR C 81 16.39 -14.89 6.20
CA TYR C 81 16.41 -13.76 5.27
C TYR C 81 17.74 -13.05 5.37
N PHE C 82 18.12 -12.41 4.27
CA PHE C 82 19.32 -11.59 4.23
C PHE C 82 19.12 -10.51 3.17
N HIS C 83 20.03 -9.55 3.14
CA HIS C 83 19.88 -8.38 2.28
C HIS C 83 21.23 -7.92 1.80
N ASP C 84 21.21 -7.02 0.82
CA ASP C 84 22.42 -6.38 0.31
C ASP C 84 22.08 -4.92 0.03
N ALA C 85 22.90 -4.27 -0.80
CA ALA C 85 22.77 -2.83 -1.00
C ALA C 85 21.39 -2.46 -1.55
N THR C 86 20.83 -3.30 -2.42
CA THR C 86 19.61 -2.94 -3.12
C THR C 86 18.51 -3.98 -2.96
N ARG C 87 18.89 -5.26 -2.89
CA ARG C 87 17.93 -6.35 -2.87
C ARG C 87 17.71 -6.87 -1.45
N VAL C 88 16.67 -7.69 -1.30
CA VAL C 88 16.31 -8.31 -0.03
C VAL C 88 15.93 -9.75 -0.33
N TYR C 89 16.76 -10.69 0.12
CA TYR C 89 16.55 -12.10 -0.17
C TYR C 89 15.76 -12.77 0.95
N LEU C 90 14.82 -13.63 0.56
CA LEU C 90 13.99 -14.38 1.50
C LEU C 90 14.17 -15.87 1.21
N ILE C 91 14.37 -16.65 2.27
CA ILE C 91 14.57 -18.08 2.16
C ILE C 91 13.24 -18.77 2.43
N LEU C 92 12.60 -19.26 1.38
CA LEU C 92 11.25 -19.81 1.44
C LEU C 92 11.27 -21.29 1.15
N GLU C 93 10.32 -22.00 1.75
CA GLU C 93 10.12 -23.41 1.43
C GLU C 93 9.75 -23.57 -0.04
N TYR C 94 10.13 -24.72 -0.61
CA TYR C 94 9.81 -25.02 -1.99
C TYR C 94 8.46 -25.71 -2.09
N ALA C 95 7.78 -25.47 -3.21
CA ALA C 95 6.45 -26.03 -3.47
C ALA C 95 6.45 -26.57 -4.89
N PRO C 96 6.61 -27.89 -5.08
CA PRO C 96 6.81 -28.41 -6.45
C PRO C 96 5.67 -28.09 -7.41
N LEU C 97 4.42 -28.18 -6.98
CA LEU C 97 3.30 -28.15 -7.91
C LEU C 97 2.87 -26.75 -8.33
N GLY C 98 3.45 -25.70 -7.76
CA GLY C 98 3.18 -24.36 -8.21
C GLY C 98 2.05 -23.68 -7.46
N THR C 99 1.54 -22.61 -8.08
CA THR C 99 0.50 -21.78 -7.50
C THR C 99 -0.87 -22.16 -8.03
N VAL C 100 -1.88 -22.03 -7.18
CA VAL C 100 -3.24 -22.37 -7.57
C VAL C 100 -3.76 -21.41 -8.64
N TYR C 101 -3.16 -20.23 -8.76
CA TYR C 101 -3.58 -19.29 -9.79
C TYR C 101 -3.34 -19.86 -11.18
N ARG C 102 -2.11 -20.34 -11.44
CA ARG C 102 -1.81 -20.93 -12.74
C ARG C 102 -2.65 -22.17 -12.98
N GLU C 103 -2.69 -23.08 -12.01
CA GLU C 103 -3.49 -24.29 -12.15
C GLU C 103 -4.97 -23.95 -12.33
N LEU C 104 -5.42 -22.82 -11.77
CA LEU C 104 -6.79 -22.36 -11.98
C LEU C 104 -6.96 -21.74 -13.36
N GLN C 105 -5.99 -20.93 -13.78
CA GLN C 105 -6.07 -20.29 -15.10
C GLN C 105 -6.12 -21.32 -16.22
N LYS C 106 -5.57 -22.52 -15.97
CA LYS C 106 -5.57 -23.58 -16.98
C LYS C 106 -6.87 -24.38 -16.95
N LEU C 107 -7.24 -24.92 -15.79
CA LEU C 107 -8.46 -25.71 -15.66
C LEU C 107 -9.70 -24.84 -15.52
N SER C 108 -9.55 -23.56 -15.17
CA SER C 108 -10.66 -22.63 -15.03
C SER C 108 -11.55 -22.99 -13.85
N LYS C 109 -12.03 -24.23 -13.78
CA LYS C 109 -12.87 -24.70 -12.69
C LYS C 109 -12.23 -25.90 -12.02
N PHE C 110 -12.55 -26.07 -10.74
CA PHE C 110 -12.10 -27.22 -9.96
C PHE C 110 -13.27 -28.14 -9.67
N ASP C 111 -12.94 -29.38 -9.33
CA ASP C 111 -13.96 -30.34 -8.92
C ASP C 111 -14.68 -29.84 -7.67
N GLU C 112 -15.87 -30.39 -7.43
CA GLU C 112 -16.59 -30.08 -6.20
C GLU C 112 -15.83 -30.53 -4.97
N GLN C 113 -14.93 -31.51 -5.12
CA GLN C 113 -14.12 -32.00 -4.00
C GLN C 113 -12.84 -31.21 -3.83
N ARG C 114 -12.15 -30.91 -4.93
CA ARG C 114 -10.93 -30.12 -4.84
C ARG C 114 -11.20 -28.77 -4.17
N THR C 115 -12.29 -28.11 -4.58
CA THR C 115 -12.68 -26.86 -3.93
C THR C 115 -12.96 -27.08 -2.46
N ALA C 116 -13.88 -28.01 -2.15
CA ALA C 116 -14.19 -28.31 -0.75
C ALA C 116 -12.95 -28.76 0.01
N THR C 117 -11.96 -29.33 -0.69
CA THR C 117 -10.72 -29.71 -0.03
C THR C 117 -9.84 -28.51 0.24
N TYR C 118 -9.63 -27.67 -0.78
CA TYR C 118 -8.86 -26.43 -0.58
C TYR C 118 -9.46 -25.61 0.56
N ILE C 119 -10.78 -25.43 0.55
CA ILE C 119 -11.44 -24.65 1.59
C ILE C 119 -11.21 -25.29 2.95
N THR C 120 -11.14 -26.62 3.01
CA THR C 120 -10.91 -27.30 4.28
C THR C 120 -9.53 -26.95 4.84
N GLU C 121 -8.50 -26.98 3.97
CA GLU C 121 -7.14 -26.70 4.43
C GLU C 121 -7.00 -25.24 4.84
N LEU C 122 -7.52 -24.33 4.02
CA LEU C 122 -7.42 -22.90 4.34
C LEU C 122 -8.12 -22.57 5.65
N ALA C 123 -9.27 -23.20 5.91
CA ALA C 123 -10.00 -22.93 7.14
C ALA C 123 -9.16 -23.29 8.36
N ASN C 124 -8.43 -24.41 8.31
CA ASN C 124 -7.62 -24.82 9.45
C ASN C 124 -6.54 -23.79 9.76
N ALA C 125 -5.82 -23.35 8.72
CA ALA C 125 -4.75 -22.37 8.93
C ALA C 125 -5.31 -21.08 9.53
N LEU C 126 -6.40 -20.58 8.97
CA LEU C 126 -6.98 -19.33 9.44
C LEU C 126 -7.34 -19.42 10.92
N SER C 127 -7.83 -20.59 11.37
CA SER C 127 -8.10 -20.77 12.78
C SER C 127 -6.81 -20.79 13.59
N TYR C 128 -5.76 -21.43 13.04
CA TYR C 128 -4.46 -21.39 13.69
C TYR C 128 -3.87 -19.99 13.68
N CYS C 129 -4.18 -19.19 12.67
CA CYS C 129 -3.71 -17.81 12.63
C CYS C 129 -4.62 -16.89 13.44
N HIS C 130 -5.94 -17.08 13.33
CA HIS C 130 -6.87 -16.26 14.11
C HIS C 130 -6.73 -16.49 15.59
N SER C 131 -6.11 -17.60 16.01
CA SER C 131 -5.90 -17.85 17.44
C SER C 131 -4.75 -17.02 17.97
N LYS C 132 -3.65 -16.93 17.22
CA LYS C 132 -2.47 -16.18 17.62
C LYS C 132 -2.64 -14.67 17.45
N ARG C 133 -3.86 -14.18 17.25
CA ARG C 133 -4.16 -12.78 17.01
C ARG C 133 -3.73 -12.32 15.62
N VAL C 134 -3.16 -13.20 14.80
CA VAL C 134 -2.72 -12.85 13.46
C VAL C 134 -3.95 -12.79 12.55
N ILE C 135 -4.65 -11.65 12.58
CA ILE C 135 -5.87 -11.51 11.78
C ILE C 135 -5.50 -11.12 10.35
N HIS C 136 -6.41 -11.42 9.43
CA HIS C 136 -6.26 -11.05 8.02
C HIS C 136 -5.02 -11.70 7.41
N ARG C 137 -5.23 -12.80 6.69
CA ARG C 137 -4.20 -13.43 5.89
C ARG C 137 -4.64 -13.37 4.43
N ASP C 138 -3.81 -12.76 3.58
CA ASP C 138 -4.13 -12.68 2.16
C ASP C 138 -4.05 -14.07 1.56
N ILE C 139 -5.19 -14.59 1.10
CA ILE C 139 -5.27 -15.96 0.62
C ILE C 139 -5.79 -15.99 -0.81
N LYS C 140 -5.56 -14.90 -1.56
CA LYS C 140 -5.93 -14.90 -2.96
C LYS C 140 -5.16 -16.00 -3.69
N PRO C 141 -5.65 -16.42 -4.87
CA PRO C 141 -4.98 -17.52 -5.59
C PRO C 141 -3.50 -17.29 -5.81
N GLU C 142 -3.08 -16.03 -6.03
CA GLU C 142 -1.67 -15.76 -6.29
C GLU C 142 -0.79 -16.12 -5.10
N ASN C 143 -1.35 -16.09 -3.88
CA ASN C 143 -0.60 -16.38 -2.67
C ASN C 143 -0.87 -17.79 -2.15
N LEU C 144 -1.39 -18.68 -2.99
CA LEU C 144 -1.63 -20.07 -2.62
C LEU C 144 -0.76 -20.96 -3.49
N LEU C 145 0.06 -21.79 -2.85
CA LEU C 145 0.95 -22.70 -3.54
C LEU C 145 0.49 -24.14 -3.31
N LEU C 146 1.03 -25.04 -4.15
CA LEU C 146 0.69 -26.45 -4.11
C LEU C 146 1.94 -27.25 -3.83
N GLY C 147 1.92 -28.04 -2.76
CA GLY C 147 3.07 -28.82 -2.36
C GLY C 147 3.19 -30.13 -3.10
N SER C 148 4.09 -30.98 -2.60
CA SER C 148 4.33 -32.27 -3.24
C SER C 148 3.10 -33.17 -3.18
N ALA C 149 2.47 -33.26 -2.02
CA ALA C 149 1.28 -34.09 -1.83
C ALA C 149 -0.01 -33.39 -2.26
N GLY C 150 0.08 -32.31 -3.01
CA GLY C 150 -1.11 -31.62 -3.48
C GLY C 150 -1.85 -30.84 -2.41
N GLU C 151 -1.12 -30.29 -1.43
CA GLU C 151 -1.73 -29.53 -0.35
C GLU C 151 -1.41 -28.06 -0.50
N LEU C 152 -2.31 -27.21 -0.02
CA LEU C 152 -2.13 -25.77 -0.13
C LEU C 152 -1.09 -25.27 0.87
N LYS C 153 -0.56 -24.08 0.60
CA LYS C 153 0.40 -23.44 1.48
C LYS C 153 0.27 -21.93 1.28
N ILE C 154 -0.22 -21.24 2.31
CA ILE C 154 -0.39 -19.80 2.22
C ILE C 154 0.99 -19.14 2.17
N ALA C 155 1.20 -18.31 1.14
CA ALA C 155 2.50 -17.67 0.89
C ALA C 155 2.29 -16.15 0.81
N ASP C 156 2.13 -15.52 1.98
CA ASP C 156 1.99 -14.07 2.06
C ASP C 156 3.36 -13.49 2.44
N PHE C 157 4.18 -13.29 1.42
CA PHE C 157 5.53 -12.74 1.58
C PHE C 157 5.73 -11.55 0.65
N GLY C 158 4.81 -10.59 0.73
CA GLY C 158 4.92 -9.39 -0.07
C GLY C 158 4.10 -9.43 -1.35
N TRP C 159 4.58 -8.74 -2.38
CA TRP C 159 3.86 -8.64 -3.64
C TRP C 159 4.05 -9.92 -4.45
N SER C 160 3.70 -9.87 -5.73
CA SER C 160 3.84 -11.03 -6.61
C SER C 160 3.51 -10.65 -8.05
N LEU C 171 -9.39 -9.06 -14.94
CA LEU C 171 -9.93 -7.73 -15.22
C LEU C 171 -9.70 -6.79 -14.04
N CYS C 172 -9.79 -7.34 -12.83
CA CYS C 172 -9.62 -6.59 -11.60
C CYS C 172 -8.39 -7.10 -10.85
N GLY C 173 -8.10 -6.47 -9.70
CA GLY C 173 -6.95 -6.82 -8.91
C GLY C 173 -7.30 -7.38 -7.55
N THR C 174 -6.65 -6.87 -6.50
CA THR C 174 -6.86 -7.37 -5.15
C THR C 174 -8.15 -6.87 -4.53
N LEU C 175 -8.95 -6.09 -5.25
CA LEU C 175 -10.21 -5.60 -4.71
C LEU C 175 -11.28 -6.70 -4.67
N ASP C 176 -11.19 -7.68 -5.56
CA ASP C 176 -12.21 -8.71 -5.67
C ASP C 176 -12.29 -9.61 -4.43
N TYR C 177 -11.31 -9.55 -3.54
CA TYR C 177 -11.24 -10.44 -2.39
C TYR C 177 -11.46 -9.72 -1.06
N LEU C 178 -11.81 -8.43 -1.09
CA LEU C 178 -11.94 -7.69 0.16
C LEU C 178 -13.41 -7.51 0.54
N PRO C 179 -13.74 -7.58 1.82
CA PRO C 179 -15.13 -7.35 2.24
C PRO C 179 -15.46 -5.86 2.28
N PRO C 180 -16.73 -5.50 2.46
CA PRO C 180 -17.09 -4.08 2.54
C PRO C 180 -16.40 -3.34 3.67
N GLU C 181 -15.94 -4.03 4.72
CA GLU C 181 -15.30 -3.35 5.83
C GLU C 181 -13.92 -2.82 5.44
N MET C 182 -13.19 -3.57 4.62
CA MET C 182 -11.85 -3.17 4.21
C MET C 182 -11.90 -2.07 3.15
N ILE C 183 -12.70 -2.28 2.11
CA ILE C 183 -12.73 -1.33 0.99
C ILE C 183 -13.21 0.04 1.47
N GLU C 184 -14.15 0.06 2.41
CA GLU C 184 -14.67 1.31 2.94
C GLU C 184 -13.83 1.88 4.07
N GLY C 185 -12.75 1.20 4.45
CA GLY C 185 -11.91 1.68 5.54
C GLY C 185 -12.58 1.65 6.90
N ARG C 186 -13.48 0.70 7.11
CA ARG C 186 -14.19 0.57 8.38
C ARG C 186 -13.49 -0.44 9.27
N MET C 187 -14.03 -0.61 10.48
CA MET C 187 -13.45 -1.56 11.42
C MET C 187 -13.54 -2.98 10.88
N HIS C 188 -12.43 -3.70 10.94
CA HIS C 188 -12.39 -5.10 10.51
C HIS C 188 -11.77 -5.95 11.61
N ASP C 189 -12.05 -7.24 11.54
CA ASP C 189 -11.58 -8.18 12.55
C ASP C 189 -11.28 -9.51 11.86
N GLU C 190 -11.21 -10.59 12.65
CA GLU C 190 -10.94 -11.90 12.10
C GLU C 190 -12.06 -12.39 11.18
N LYS C 191 -13.22 -11.74 11.18
CA LYS C 191 -14.33 -12.16 10.35
C LYS C 191 -14.16 -11.76 8.89
N VAL C 192 -13.06 -11.10 8.53
CA VAL C 192 -12.79 -10.85 7.11
C VAL C 192 -12.32 -12.12 6.42
N ASP C 193 -11.62 -12.99 7.14
CA ASP C 193 -11.16 -14.25 6.56
C ASP C 193 -12.33 -15.05 5.99
N LEU C 194 -13.46 -15.05 6.70
CA LEU C 194 -14.63 -15.80 6.22
C LEU C 194 -15.11 -15.26 4.88
N TRP C 195 -15.20 -13.95 4.75
CA TRP C 195 -15.61 -13.36 3.48
C TRP C 195 -14.66 -13.78 2.36
N SER C 196 -13.37 -13.95 2.67
CA SER C 196 -12.42 -14.37 1.65
C SER C 196 -12.65 -15.82 1.24
N LEU C 197 -12.91 -16.71 2.22
CA LEU C 197 -13.23 -18.10 1.88
C LEU C 197 -14.44 -18.17 0.98
N GLY C 198 -15.49 -17.41 1.28
CA GLY C 198 -16.66 -17.39 0.43
C GLY C 198 -16.34 -16.92 -0.97
N VAL C 199 -15.50 -15.88 -1.10
CA VAL C 199 -15.11 -15.39 -2.41
C VAL C 199 -14.26 -16.43 -3.14
N LEU C 200 -13.23 -16.94 -2.46
CA LEU C 200 -12.35 -17.92 -3.09
C LEU C 200 -13.10 -19.19 -3.43
N CYS C 201 -13.97 -19.66 -2.53
CA CYS C 201 -14.78 -20.84 -2.83
C CYS C 201 -15.61 -20.61 -4.09
N TYR C 202 -16.24 -19.43 -4.21
CA TYR C 202 -16.98 -19.10 -5.42
C TYR C 202 -16.08 -19.09 -6.64
N GLU C 203 -14.80 -18.76 -6.46
CA GLU C 203 -13.88 -18.65 -7.60
C GLU C 203 -13.42 -20.02 -8.09
N PHE C 204 -13.26 -20.99 -7.20
CA PHE C 204 -12.83 -22.32 -7.63
C PHE C 204 -13.92 -23.01 -8.42
N LEU C 205 -15.19 -22.83 -8.03
CA LEU C 205 -16.28 -23.50 -8.71
C LEU C 205 -16.65 -22.80 -10.01
N VAL C 206 -16.77 -21.47 -9.96
CA VAL C 206 -17.21 -20.72 -11.13
C VAL C 206 -16.04 -20.30 -12.03
N GLY C 207 -14.86 -20.08 -11.46
CA GLY C 207 -13.71 -19.66 -12.23
C GLY C 207 -13.53 -18.17 -12.34
N LYS C 208 -14.08 -17.40 -11.42
CA LYS C 208 -13.94 -15.94 -11.43
C LYS C 208 -14.55 -15.37 -10.16
N PRO C 209 -13.99 -14.30 -9.59
CA PRO C 209 -14.57 -13.72 -8.39
C PRO C 209 -16.02 -13.34 -8.63
N PRO C 210 -16.84 -13.34 -7.58
CA PRO C 210 -18.27 -13.04 -7.79
C PRO C 210 -18.53 -11.58 -8.09
N PHE C 211 -17.73 -10.66 -7.57
CA PHE C 211 -17.96 -9.23 -7.75
C PHE C 211 -17.10 -8.64 -8.85
N GLU C 212 -16.40 -9.46 -9.62
CA GLU C 212 -15.56 -8.94 -10.70
C GLU C 212 -16.41 -8.15 -11.68
N ALA C 213 -15.91 -6.98 -12.06
CA ALA C 213 -16.60 -6.11 -13.01
C ALA C 213 -15.58 -5.61 -14.03
N ASN C 214 -15.92 -4.53 -14.74
CA ASN C 214 -15.03 -3.97 -15.75
C ASN C 214 -14.17 -2.84 -15.22
N THR C 215 -14.67 -2.08 -14.24
CA THR C 215 -13.94 -0.96 -13.66
C THR C 215 -13.82 -1.15 -12.16
N TYR C 216 -12.94 -0.34 -11.56
CA TYR C 216 -12.74 -0.40 -10.11
C TYR C 216 -14.00 0.02 -9.36
N GLN C 217 -14.63 1.11 -9.81
CA GLN C 217 -15.82 1.60 -9.13
C GLN C 217 -16.96 0.59 -9.20
N GLU C 218 -17.18 -0.01 -10.37
CA GLU C 218 -18.24 -0.99 -10.53
C GLU C 218 -18.08 -2.12 -9.52
N THR C 219 -16.88 -2.68 -9.41
CA THR C 219 -16.64 -3.74 -8.45
C THR C 219 -16.80 -3.24 -7.02
N TYR C 220 -16.28 -2.05 -6.73
CA TYR C 220 -16.42 -1.47 -5.40
C TYR C 220 -17.88 -1.41 -4.97
N LYS C 221 -18.77 -1.10 -5.92
CA LYS C 221 -20.19 -0.99 -5.59
C LYS C 221 -20.81 -2.37 -5.38
N ARG C 222 -20.39 -3.36 -6.16
CA ARG C 222 -20.95 -4.70 -6.02
C ARG C 222 -20.55 -5.33 -4.70
N ILE C 223 -19.32 -5.09 -4.25
CA ILE C 223 -18.88 -5.61 -2.96
C ILE C 223 -19.66 -4.93 -1.84
N SER C 224 -19.60 -3.59 -1.80
CA SER C 224 -20.28 -2.85 -0.74
C SER C 224 -21.78 -3.14 -0.71
N ARG C 225 -22.37 -3.46 -1.85
CA ARG C 225 -23.78 -3.80 -1.94
C ARG C 225 -24.04 -5.29 -1.99
N VAL C 226 -22.99 -6.11 -2.05
CA VAL C 226 -23.14 -7.57 -2.08
C VAL C 226 -24.02 -7.95 -3.26
N GLU C 227 -23.56 -7.62 -4.47
CA GLU C 227 -24.32 -7.84 -5.69
C GLU C 227 -23.61 -8.94 -6.49
N PHE C 228 -24.14 -10.15 -6.43
CA PHE C 228 -23.59 -11.28 -7.17
C PHE C 228 -24.68 -12.33 -7.34
N THR C 229 -24.43 -13.27 -8.25
CA THR C 229 -25.43 -14.26 -8.64
C THR C 229 -24.75 -15.60 -8.85
N PHE C 230 -25.53 -16.67 -8.68
CA PHE C 230 -25.02 -18.03 -8.79
C PHE C 230 -25.41 -18.63 -10.14
N PRO C 231 -24.46 -19.09 -10.95
CA PRO C 231 -24.84 -19.83 -12.16
C PRO C 231 -25.65 -21.06 -11.83
N ASP C 232 -26.22 -21.67 -12.87
CA ASP C 232 -27.08 -22.83 -12.68
C ASP C 232 -26.29 -24.05 -12.23
N PHE C 233 -25.10 -24.26 -12.80
CA PHE C 233 -24.33 -25.46 -12.48
C PHE C 233 -23.82 -25.46 -11.05
N VAL C 234 -23.93 -24.35 -10.32
CA VAL C 234 -23.51 -24.33 -8.92
C VAL C 234 -24.47 -25.19 -8.11
N THR C 235 -23.94 -26.25 -7.50
CA THR C 235 -24.77 -27.16 -6.72
C THR C 235 -25.46 -26.41 -5.59
N GLU C 236 -26.40 -27.10 -4.94
CA GLU C 236 -27.15 -26.52 -3.84
C GLU C 236 -26.31 -26.43 -2.57
N GLY C 237 -25.49 -27.45 -2.31
CA GLY C 237 -24.68 -27.43 -1.11
C GLY C 237 -23.68 -26.28 -1.10
N ALA C 238 -22.93 -26.13 -2.20
CA ALA C 238 -21.97 -25.03 -2.29
C ALA C 238 -22.68 -23.69 -2.29
N ARG C 239 -23.88 -23.62 -2.86
CA ARG C 239 -24.61 -22.37 -2.92
C ARG C 239 -25.11 -21.92 -1.54
N ASP C 240 -25.13 -22.83 -0.57
CA ASP C 240 -25.54 -22.49 0.79
C ASP C 240 -24.37 -22.02 1.64
N LEU C 241 -23.18 -22.60 1.44
CA LEU C 241 -22.02 -22.19 2.21
C LEU C 241 -21.50 -20.83 1.74
N ILE C 242 -21.38 -20.66 0.42
CA ILE C 242 -20.88 -19.39 -0.11
C ILE C 242 -21.80 -18.24 0.29
N SER C 243 -23.11 -18.48 0.30
CA SER C 243 -24.04 -17.43 0.69
C SER C 243 -23.94 -17.12 2.17
N ARG C 244 -23.71 -18.15 2.99
CA ARG C 244 -23.61 -17.94 4.43
C ARG C 244 -22.38 -17.13 4.80
N LEU C 245 -21.36 -17.10 3.93
CA LEU C 245 -20.13 -16.36 4.20
C LEU C 245 -20.16 -14.94 3.65
N LEU C 246 -20.83 -14.74 2.51
CA LEU C 246 -20.88 -13.41 1.88
C LEU C 246 -22.06 -12.64 2.44
N LYS C 247 -21.84 -12.04 3.61
CA LYS C 247 -22.84 -11.21 4.27
C LYS C 247 -22.20 -9.87 4.64
N HIS C 248 -22.97 -8.79 4.48
CA HIS C 248 -22.44 -7.46 4.72
C HIS C 248 -21.93 -7.32 6.16
N ASN C 249 -22.76 -7.66 7.13
CA ASN C 249 -22.36 -7.59 8.52
C ASN C 249 -21.33 -8.66 8.83
N PRO C 250 -20.15 -8.31 9.34
CA PRO C 250 -19.12 -9.34 9.58
C PRO C 250 -19.46 -10.29 10.71
N SER C 251 -20.33 -9.89 11.65
CA SER C 251 -20.68 -10.75 12.78
C SER C 251 -21.66 -11.84 12.36
N GLN C 252 -22.58 -11.53 11.45
CA GLN C 252 -23.54 -12.53 10.98
C GLN C 252 -22.84 -13.74 10.37
N ARG C 253 -21.60 -13.59 9.94
CA ARG C 253 -20.87 -14.68 9.30
C ARG C 253 -20.67 -15.80 10.30
N PRO C 254 -20.20 -16.97 9.85
CA PRO C 254 -20.07 -18.10 10.77
C PRO C 254 -18.75 -18.08 11.53
N MET C 255 -18.35 -19.22 12.10
CA MET C 255 -17.04 -19.39 12.69
C MET C 255 -16.27 -20.40 11.86
N LEU C 256 -14.94 -20.32 11.93
CA LEU C 256 -14.11 -21.26 11.17
C LEU C 256 -14.38 -22.70 11.57
N ARG C 257 -14.92 -22.93 12.77
CA ARG C 257 -15.29 -24.29 13.16
C ARG C 257 -16.59 -24.71 12.49
N GLU C 258 -17.58 -23.81 12.44
CA GLU C 258 -18.85 -24.14 11.79
C GLU C 258 -18.66 -24.37 10.30
N VAL C 259 -17.78 -23.59 9.66
CA VAL C 259 -17.53 -23.78 8.23
C VAL C 259 -16.99 -25.17 7.96
N LEU C 260 -16.15 -25.68 8.86
CA LEU C 260 -15.62 -27.04 8.71
C LEU C 260 -16.71 -28.08 8.88
N GLU C 261 -17.77 -27.76 9.61
CA GLU C 261 -18.87 -28.68 9.85
C GLU C 261 -19.95 -28.61 8.77
N HIS C 262 -19.77 -27.77 7.75
CA HIS C 262 -20.80 -27.61 6.74
C HIS C 262 -20.99 -28.92 5.98
N PRO C 263 -22.22 -29.38 5.76
CA PRO C 263 -22.40 -30.66 5.05
C PRO C 263 -21.69 -30.74 3.71
N TRP C 264 -21.77 -29.68 2.90
CA TRP C 264 -21.16 -29.74 1.57
C TRP C 264 -19.66 -29.97 1.64
N ILE C 265 -19.00 -29.40 2.65
CA ILE C 265 -17.57 -29.60 2.82
C ILE C 265 -17.29 -31.03 3.28
N THR C 266 -17.90 -31.43 4.40
CA THR C 266 -17.68 -32.76 4.93
C THR C 266 -18.01 -33.86 3.93
N ALA C 267 -18.81 -33.56 2.91
CA ALA C 267 -19.19 -34.56 1.92
C ALA C 267 -18.16 -34.68 0.81
N ASN C 268 -17.75 -33.55 0.22
CA ASN C 268 -16.86 -33.57 -0.93
C ASN C 268 -15.39 -33.41 -0.55
N SER C 269 -15.09 -32.83 0.61
CA SER C 269 -13.72 -32.55 0.99
C SER C 269 -12.96 -33.86 1.19
N SER C 270 -11.72 -33.75 1.67
CA SER C 270 -10.88 -34.93 1.90
C SER C 270 -9.74 -34.58 2.84
N VAL D 6 29.06 -2.52 1.33
CA VAL D 6 28.43 -1.30 1.80
C VAL D 6 28.95 -0.93 3.19
N PRO D 7 29.83 0.08 3.27
CA PRO D 7 30.37 0.92 2.20
C PRO D 7 31.23 0.15 1.21
N THR D 8 31.13 0.51 -0.07
CA THR D 8 31.96 -0.13 -1.10
C THR D 8 33.34 0.49 -1.15
N LYS D 9 33.43 1.82 -1.07
CA LYS D 9 34.70 2.53 -1.07
C LYS D 9 34.92 3.15 0.31
N LEU D 10 36.18 3.13 0.76
CA LEU D 10 36.53 3.73 2.04
C LEU D 10 38.03 4.06 2.00
N GLU D 11 38.34 5.30 1.64
CA GLU D 11 39.71 5.77 1.53
C GLU D 11 39.99 6.83 2.59
N VAL D 12 41.26 7.24 2.66
CA VAL D 12 41.71 8.27 3.60
C VAL D 12 42.02 9.51 2.77
N VAL D 13 41.13 10.50 2.83
CA VAL D 13 41.33 11.71 2.04
C VAL D 13 42.37 12.62 2.69
N ALA D 14 42.45 12.62 4.02
CA ALA D 14 43.41 13.45 4.73
C ALA D 14 43.73 12.80 6.06
N ALA D 15 44.84 13.24 6.66
CA ALA D 15 45.26 12.68 7.94
C ALA D 15 46.30 13.60 8.56
N THR D 16 46.53 13.40 9.85
CA THR D 16 47.52 14.14 10.62
C THR D 16 48.17 13.17 11.60
N PRO D 17 49.31 13.55 12.17
CA PRO D 17 49.96 12.64 13.15
C PRO D 17 49.11 12.35 14.37
N THR D 18 48.07 13.14 14.62
CA THR D 18 47.21 12.96 15.79
C THR D 18 45.88 12.31 15.47
N SER D 19 45.36 12.48 14.26
CA SER D 19 44.06 11.94 13.90
C SER D 19 44.05 11.62 12.40
N LEU D 20 42.96 11.02 11.95
CA LEU D 20 42.78 10.69 10.55
C LEU D 20 41.35 11.07 10.13
N LEU D 21 41.16 11.19 8.82
CA LEU D 21 39.87 11.56 8.25
C LEU D 21 39.57 10.61 7.08
N ILE D 22 38.52 9.81 7.23
CA ILE D 22 38.14 8.83 6.23
C ILE D 22 36.91 9.32 5.48
N SER D 23 36.61 8.65 4.38
CA SER D 23 35.42 8.96 3.59
C SER D 23 35.00 7.70 2.83
N TRP D 24 33.72 7.65 2.48
CA TRP D 24 33.16 6.53 1.74
C TRP D 24 32.11 7.04 0.77
N ASP D 25 31.52 6.13 0.01
CA ASP D 25 30.58 6.46 -1.05
C ASP D 25 29.14 6.28 -0.59
N ALA D 26 28.22 6.78 -1.41
CA ALA D 26 26.79 6.64 -1.15
C ALA D 26 26.30 5.30 -1.68
N PRO D 27 25.68 4.45 -0.86
CA PRO D 27 25.28 3.12 -1.32
C PRO D 27 23.99 3.07 -2.12
N ALA D 28 23.48 4.21 -2.58
CA ALA D 28 22.24 4.25 -3.36
C ALA D 28 21.10 3.57 -2.60
N VAL D 29 21.09 3.75 -1.27
CA VAL D 29 20.08 3.15 -0.41
C VAL D 29 20.11 3.88 0.92
N THR D 30 18.95 4.00 1.54
CA THR D 30 18.83 4.71 2.81
C THR D 30 19.58 3.94 3.90
N VAL D 31 20.53 4.61 4.56
CA VAL D 31 21.34 4.03 5.62
C VAL D 31 21.02 4.77 6.92
N VAL D 32 20.74 4.00 7.97
CA VAL D 32 20.46 4.60 9.28
C VAL D 32 21.70 5.33 9.78
N HIS D 33 22.79 4.60 9.97
CA HIS D 33 24.05 5.22 10.38
C HIS D 33 25.16 4.19 10.23
N TYR D 34 26.40 4.69 10.23
CA TYR D 34 27.58 3.86 10.05
C TYR D 34 28.27 3.64 11.39
N VAL D 35 28.81 2.43 11.57
CA VAL D 35 29.60 2.08 12.75
C VAL D 35 31.05 1.98 12.31
N ILE D 36 31.91 2.80 12.92
CA ILE D 36 33.32 2.87 12.57
C ILE D 36 34.13 2.17 13.66
N THR D 37 34.90 1.17 13.26
CA THR D 37 35.81 0.45 14.15
C THR D 37 37.21 0.45 13.54
N TYR D 38 38.22 0.66 14.39
CA TYR D 38 39.59 0.79 13.91
C TYR D 38 40.55 0.27 14.97
N GLY D 39 41.73 -0.13 14.52
CA GLY D 39 42.75 -0.63 15.42
C GLY D 39 43.93 -1.15 14.62
N GLU D 40 45.04 -1.32 15.33
CA GLU D 40 46.26 -1.81 14.73
C GLU D 40 46.02 -3.13 14.02
N THR D 41 46.09 -3.12 12.68
CA THR D 41 45.84 -4.33 11.91
C THR D 41 46.80 -5.43 12.30
N GLY D 42 46.26 -6.62 12.56
CA GLY D 42 47.07 -7.75 12.99
C GLY D 42 46.54 -8.37 14.27
N GLY D 43 46.49 -7.58 15.34
CA GLY D 43 45.94 -8.05 16.60
C GLY D 43 46.80 -7.72 17.80
N ASN D 44 46.56 -6.55 18.40
CA ASN D 44 47.21 -6.15 19.65
C ASN D 44 46.24 -6.11 20.82
N SER D 45 45.03 -5.64 20.61
CA SER D 45 43.99 -5.62 21.64
C SER D 45 42.65 -5.41 20.96
N PRO D 46 41.55 -5.62 21.69
CA PRO D 46 40.22 -5.41 21.08
C PRO D 46 40.10 -4.02 20.48
N VAL D 47 39.32 -3.93 19.40
CA VAL D 47 39.19 -2.69 18.65
C VAL D 47 38.15 -1.80 19.30
N GLN D 48 38.02 -0.58 18.80
CA GLN D 48 37.07 0.40 19.30
C GLN D 48 35.85 0.47 18.39
N GLU D 49 34.83 1.20 18.83
CA GLU D 49 33.59 1.31 18.08
C GLU D 49 32.92 2.64 18.39
N PHE D 50 32.71 3.45 17.36
CA PHE D 50 31.92 4.67 17.46
C PHE D 50 31.04 4.78 16.22
N THR D 51 29.96 5.55 16.35
CA THR D 51 28.95 5.64 15.30
C THR D 51 28.98 7.02 14.65
N VAL D 52 28.57 7.06 13.39
CA VAL D 52 28.48 8.30 12.62
C VAL D 52 27.13 8.34 11.93
N PRO D 53 26.43 9.49 11.93
CA PRO D 53 25.10 9.53 11.29
C PRO D 53 25.08 8.97 9.88
N GLY D 54 23.90 8.57 9.41
CA GLY D 54 23.77 7.97 8.10
C GLY D 54 23.87 8.93 6.94
N SER D 55 23.62 10.22 7.16
CA SER D 55 23.72 11.20 6.09
C SER D 55 25.15 11.60 5.80
N LYS D 56 26.03 11.53 6.80
CA LYS D 56 27.42 11.91 6.61
C LYS D 56 28.17 10.84 5.84
N SER D 57 29.19 11.27 5.09
CA SER D 57 30.03 10.37 4.31
C SER D 57 31.48 10.40 4.74
N THR D 58 31.79 11.00 5.89
CA THR D 58 33.15 11.07 6.39
C THR D 58 33.13 10.94 7.91
N ALA D 59 34.33 10.77 8.48
CA ALA D 59 34.48 10.67 9.92
C ALA D 59 35.87 11.13 10.30
N THR D 60 36.11 11.26 11.61
CA THR D 60 37.39 11.74 12.12
C THR D 60 37.72 10.94 13.37
N ILE D 61 38.70 10.05 13.26
CA ILE D 61 39.18 9.25 14.38
C ILE D 61 40.45 9.90 14.91
N SER D 62 40.41 10.35 16.16
CA SER D 62 41.54 11.02 16.79
C SER D 62 42.09 10.16 17.93
N GLY D 63 43.41 10.18 18.09
CA GLY D 63 44.06 9.41 19.13
C GLY D 63 44.78 8.20 18.60
N LEU D 64 45.44 8.33 17.45
CA LEU D 64 46.19 7.25 16.82
C LEU D 64 47.67 7.60 16.81
N LYS D 65 48.50 6.67 17.28
CA LYS D 65 49.93 6.90 17.33
C LYS D 65 50.55 6.72 15.95
N PRO D 66 51.64 7.44 15.66
CA PRO D 66 52.27 7.31 14.34
C PRO D 66 53.03 6.00 14.21
N GLY D 67 53.03 5.47 12.99
CA GLY D 67 53.73 4.23 12.69
C GLY D 67 53.03 3.01 13.24
N VAL D 68 51.74 2.87 12.94
CA VAL D 68 50.94 1.73 13.40
C VAL D 68 49.99 1.37 12.26
N ASP D 69 50.26 0.26 11.59
CA ASP D 69 49.41 -0.19 10.48
C ASP D 69 48.00 -0.48 10.98
N TYR D 70 47.14 0.54 10.95
CA TYR D 70 45.79 0.39 11.45
C TYR D 70 44.89 -0.29 10.40
N THR D 71 43.79 -0.86 10.88
CA THR D 71 42.80 -1.52 10.03
C THR D 71 41.42 -0.98 10.42
N ILE D 72 40.91 -0.04 9.63
CA ILE D 72 39.63 0.58 9.89
C ILE D 72 38.54 -0.20 9.17
N THR D 73 37.47 -0.54 9.89
CA THR D 73 36.34 -1.28 9.34
C THR D 73 35.07 -0.48 9.58
N VAL D 74 34.26 -0.33 8.54
CA VAL D 74 32.98 0.37 8.61
C VAL D 74 31.93 -0.50 7.95
N TYR D 75 30.80 -0.68 8.62
CA TYR D 75 29.66 -1.41 8.08
C TYR D 75 28.40 -0.59 8.30
N ALA D 76 27.68 -0.32 7.21
CA ALA D 76 26.42 0.41 7.31
C ALA D 76 25.35 -0.46 7.96
N ILE D 77 24.29 0.18 8.40
CA ILE D 77 23.16 -0.50 9.05
C ILE D 77 21.89 -0.05 8.36
N ASP D 78 21.17 -0.99 7.75
CA ASP D 78 19.87 -0.72 7.16
C ASP D 78 18.84 -0.59 8.28
N PHE D 79 17.87 0.31 8.08
CA PHE D 79 16.87 0.55 9.11
C PHE D 79 16.06 -0.71 9.41
N TYR D 80 15.82 -1.55 8.41
CA TYR D 80 14.95 -2.71 8.56
C TYR D 80 15.68 -4.04 8.60
N TRP D 81 16.79 -4.17 7.88
CA TRP D 81 17.42 -5.47 7.65
C TRP D 81 18.75 -5.63 8.36
N GLY D 82 19.13 -4.69 9.23
CA GLY D 82 20.33 -4.83 10.01
C GLY D 82 21.59 -4.32 9.34
N SER D 83 22.72 -4.95 9.61
CA SER D 83 24.01 -4.50 9.14
C SER D 83 24.33 -5.03 7.75
N TYR D 84 25.23 -4.34 7.07
CA TYR D 84 25.75 -4.75 5.78
C TYR D 84 27.10 -5.44 5.96
N SER D 85 27.63 -5.96 4.86
CA SER D 85 28.96 -6.58 4.88
C SER D 85 30.03 -5.50 5.02
N PRO D 86 30.90 -5.57 6.01
CA PRO D 86 31.90 -4.51 6.19
C PRO D 86 32.90 -4.47 5.05
N ILE D 87 33.65 -3.36 5.01
CA ILE D 87 34.70 -3.17 4.02
C ILE D 87 35.92 -2.59 4.72
N SER D 88 36.93 -3.43 4.96
CA SER D 88 38.10 -3.04 5.72
C SER D 88 39.23 -2.60 4.79
N ILE D 89 40.00 -1.63 5.26
CA ILE D 89 41.15 -1.10 4.53
C ILE D 89 42.27 -0.79 5.52
N ASN D 90 43.49 -1.16 5.15
CA ASN D 90 44.64 -0.96 6.02
C ASN D 90 45.34 0.35 5.70
N TYR D 91 45.90 0.97 6.74
CA TYR D 91 46.59 2.24 6.61
C TYR D 91 47.65 2.35 7.69
N ARG D 92 48.80 2.91 7.33
CA ARG D 92 49.91 3.11 8.25
C ARG D 92 49.98 4.58 8.62
N THR D 93 49.86 4.87 9.91
CA THR D 93 49.89 6.24 10.40
C THR D 93 51.30 6.82 10.29
O1 35R E . -1.93 18.57 -1.57
C2 35R E . -1.08 19.31 -1.93
N3 35R E . 0.28 18.84 -2.20
C4 35R E . 1.30 19.83 -2.63
C5 35R E . 2.64 19.79 -1.88
C6 35R E . 1.64 20.92 -1.61
N7 35R E . -1.34 20.75 -2.12
C8 35R E . -2.63 21.39 -1.87
C9 35R E . -3.92 20.94 -1.97
N10 35R E . -4.71 21.96 -1.62
N12 35R E . -3.91 23.06 -1.31
C13 35R E . -2.64 22.69 -1.47
C14 35R E . -1.28 23.40 -1.30
N15 35R E . -1.80 24.56 -0.85
C16 35R E . -0.76 25.38 -0.62
C17 35R E . -0.67 26.72 -0.14
C18 35R E . 0.56 27.33 0.00
C19 35R E . 1.72 26.64 -0.33
C20 35R E . 2.92 27.59 -0.06
N21 35R E . 4.02 27.62 -1.07
C23 35R E . 4.58 28.94 -1.10
C24 35R E . 3.68 29.91 -1.86
O25 35R E . 3.21 29.40 -3.11
C26 35R E . 3.83 28.17 -3.50
C27 35R E . 3.81 27.10 -2.41
C28 35R E . 1.65 25.33 -0.79
C29 35R E . 0.38 24.73 -0.94
N30 35R E . 0.06 23.52 -1.36
H1 35R E . 0.49 18.01 -2.11
H2 35R E . 1.36 20.09 -3.57
H3 35R E . 2.71 19.12 -1.20
H4 35R E . 3.41 20.04 -2.41
H5 35R E . 1.17 20.86 -0.77
H6 35R E . 1.87 21.78 -1.98
H7 35R E . -0.70 21.23 -2.39
H8 35R E . -4.18 20.09 -2.22
H9 35R E . -5.57 21.93 -1.60
H10 35R E . -2.63 24.75 -0.72
H11 35R E . -1.46 27.18 0.08
H12 35R E . 0.62 28.20 0.32
H13 35R E . 2.56 28.48 0.01
H14 35R E . 3.31 27.32 0.78
H16 35R E . 5.45 28.90 -1.53
H17 35R E . 4.70 29.24 -0.19
H18 35R E . 2.92 30.13 -1.30
H19 35R E . 4.19 30.72 -2.03
H20 35R E . 3.37 27.83 -4.29
H21 35R E . 4.75 28.36 -3.74
H22 35R E . 2.95 26.66 -2.43
H23 35R E . 4.51 26.45 -2.60
H24 35R E . 2.42 24.86 -1.00
O1 35R F . 7.14 -17.55 -4.06
C2 35R F . 6.82 -17.88 -5.16
N3 35R F . 6.41 -16.91 -6.17
C4 35R F . 6.03 -17.39 -7.51
C5 35R F . 7.02 -17.03 -8.62
C6 35R F . 5.66 -16.34 -8.57
N7 35R F . 6.82 -19.29 -5.56
C8 35R F . 7.20 -20.41 -4.70
C9 35R F . 7.37 -20.47 -3.35
N10 35R F . 7.71 -21.72 -3.05
N12 35R F . 7.76 -22.46 -4.25
C13 35R F . 7.44 -21.64 -5.23
C14 35R F . 7.34 -21.84 -6.76
N15 35R F . 6.91 -23.12 -6.66
C16 35R F . 6.74 -23.58 -7.92
C17 35R F . 6.31 -24.82 -8.44
C18 35R F . 6.22 -25.02 -9.81
C19 35R F . 6.57 -23.97 -10.66
C20 35R F . 6.41 -24.45 -12.12
N21 35R F . 7.66 -24.27 -12.90
C23 35R F . 7.69 -25.21 -13.98
C24 35R F . 8.13 -26.61 -13.54
O25 35R F . 9.33 -26.63 -12.76
C26 35R F . 9.26 -25.72 -11.68
C27 35R F . 8.91 -24.31 -12.18
C28 35R F . 6.98 -22.76 -10.16
C29 35R F . 7.07 -22.58 -8.77
N30 35R F . 7.43 -21.52 -8.06
H1 35R F . 6.38 -16.06 -5.99
H2 35R F . 5.56 -18.23 -7.60
H3 35R F . 7.12 -17.70 -9.32
H4 35R F . 7.78 -16.49 -8.35
H5 35R F . 5.01 -16.63 -9.23
H6 35R F . 5.66 -15.42 -8.25
H7 35R F . 6.58 -19.47 -6.37
H8 35R F . 7.26 -19.78 -2.74
H9 35R F . 7.87 -22.04 -2.27
H10 35R F . 6.76 -23.55 -5.94
H11 35R F . 6.09 -25.52 -7.86
H12 35R F . 5.93 -25.83 -10.16
H13 35R F . 6.17 -25.40 -12.11
H14 35R F . 5.70 -23.95 -12.54
H16 35R F . 6.81 -25.26 -14.38
H17 35R F . 8.32 -24.88 -14.65
H18 35R F . 7.41 -27.00 -13.01
H19 35R F . 8.26 -27.16 -14.33
H20 35R F . 10.13 -25.69 -11.23
H21 35R F . 8.59 -26.01 -11.05
H22 35R F . 8.84 -23.73 -11.41
H23 35R F . 9.61 -24.01 -12.76
H24 35R F . 7.21 -22.07 -10.74
#